data_1AXK
#
_entry.id   1AXK
#
_cell.length_a   45.270
_cell.length_b   133.700
_cell.length_c   77.950
_cell.angle_alpha   90.00
_cell.angle_beta   99.76
_cell.angle_gamma   90.00
#
_symmetry.space_group_name_H-M   'P 1 21 1'
#
loop_
_entity.id
_entity.type
_entity.pdbx_description
1 polymer GLUXYN-1
2 non-polymer 'CALCIUM ION'
3 water water
#
_entity_poly.entity_id   1
_entity_poly.type   'polypeptide(L)'
_entity_poly.pdbx_seq_one_letter_code
;FDCAEYRSTNIYGYGLYEVSMKPAKNTGIVSSFFTYTGPAHGTQWDEIDIEFLGKDTTKVQFNYYTNGVGGHEKVISLGF
DASKGFHTYAFDWQPGYIKWYVDGVLKHTATANIPSTPGKIMMNLWNGTGVDDWLGSYNGANPLYAEYDWVKYTSNASTD
YWQNWTDGGGIVNAVNGSGGNYSVNWSNTGNFVVGKGWTTGSPFRTINYNAGVWAPNGNGYLTLYGWTRSPLIEYYVVDS
WGTYRPTGTYKGTVKSDGGTYDIYTTTRYNAPSIDGDRTTFTQYWSVRQSKRPTGSNATITFSNHVNAWKSHGMNLGSNW
AYQVMATEGYQSSGSSNVTVWGSVFWEPKSYFNPSTWEKADGYSNGGVFNCTWRANNVNFTNDGKLKLGLTSSA
;
_entity_poly.pdbx_strand_id   A,B
#
loop_
_chem_comp.id
_chem_comp.type
_chem_comp.name
_chem_comp.formula
CA non-polymer 'CALCIUM ION' 'Ca 2'
#
# COMPACT_ATOMS: atom_id res chain seq x y z
N PHE A 1 20.53 34.39 40.54
CA PHE A 1 21.16 33.69 39.37
C PHE A 1 20.22 33.58 38.18
N ASP A 2 20.77 33.83 37.00
CA ASP A 2 20.06 33.82 35.74
C ASP A 2 20.55 32.70 34.83
N CYS A 3 19.63 31.96 34.22
CA CYS A 3 20.05 30.82 33.38
C CYS A 3 19.32 30.84 32.06
N ALA A 4 19.40 29.82 31.22
CA ALA A 4 18.93 29.85 29.84
C ALA A 4 18.38 28.53 29.32
N GLU A 5 17.26 28.67 28.63
CA GLU A 5 16.55 27.53 28.08
C GLU A 5 16.01 27.93 26.71
N TYR A 6 16.27 27.11 25.70
CA TYR A 6 15.73 27.36 24.35
C TYR A 6 14.83 26.18 24.04
N ARG A 7 13.65 26.40 23.52
CA ARG A 7 12.68 25.32 23.32
C ARG A 7 11.91 25.51 22.01
N SER A 8 11.56 24.38 21.39
CA SER A 8 10.86 24.44 20.10
C SER A 8 9.42 24.91 20.25
N THR A 9 8.82 25.48 19.19
CA THR A 9 7.43 25.82 19.31
C THR A 9 6.57 24.60 18.94
N ASN A 10 7.11 23.71 18.14
CA ASN A 10 6.31 22.54 17.76
C ASN A 10 6.63 21.33 18.64
N ILE A 11 5.80 20.31 18.55
CA ILE A 11 6.08 19.07 19.27
C ILE A 11 6.55 18.00 18.28
N TYR A 12 7.30 17.04 18.78
CA TYR A 12 7.87 16.01 17.89
C TYR A 12 7.72 14.61 18.48
N GLY A 13 7.50 13.61 17.62
CA GLY A 13 7.32 12.25 18.09
C GLY A 13 8.52 11.32 17.96
N TYR A 14 8.19 10.03 17.78
CA TYR A 14 9.19 8.98 17.68
C TYR A 14 10.16 9.31 16.55
N GLY A 15 11.39 8.92 16.64
CA GLY A 15 12.39 9.23 15.62
C GLY A 15 13.74 9.46 16.29
N LEU A 16 14.67 9.95 15.50
CA LEU A 16 16.04 10.21 15.87
C LEU A 16 16.28 11.70 16.19
N TYR A 17 16.81 11.96 17.38
CA TYR A 17 17.08 13.33 17.81
C TYR A 17 18.59 13.50 17.89
N GLU A 18 19.16 14.43 17.15
CA GLU A 18 20.60 14.62 17.15
C GLU A 18 20.94 16.05 17.52
N VAL A 19 22.06 16.26 18.18
CA VAL A 19 22.49 17.60 18.52
C VAL A 19 24.01 17.61 18.45
N SER A 20 24.59 18.72 17.98
CA SER A 20 26.02 18.90 18.05
C SER A 20 26.29 19.93 19.15
N MET A 21 26.95 19.57 20.26
CA MET A 21 27.08 20.56 21.31
C MET A 21 28.38 20.47 22.08
N LYS A 22 28.65 21.54 22.84
CA LYS A 22 29.79 21.60 23.74
C LYS A 22 29.31 22.10 25.10
N PRO A 23 29.17 21.28 26.12
CA PRO A 23 28.62 21.70 27.39
C PRO A 23 29.52 22.56 28.24
N ALA A 24 28.97 23.28 29.24
CA ALA A 24 29.84 24.08 30.11
C ALA A 24 30.52 23.14 31.13
N LYS A 25 31.64 23.63 31.69
CA LYS A 25 32.34 22.87 32.73
C LYS A 25 32.40 23.61 34.05
N ASN A 26 31.82 23.07 35.12
CA ASN A 26 31.86 23.74 36.44
C ASN A 26 31.11 22.88 37.45
N THR A 27 31.53 22.88 38.71
CA THR A 27 30.77 22.14 39.71
C THR A 27 29.38 22.78 39.78
N GLY A 28 28.39 21.94 40.09
CA GLY A 28 27.06 22.39 40.41
C GLY A 28 26.11 22.73 39.27
N ILE A 29 26.48 22.47 38.01
CA ILE A 29 25.55 22.85 36.92
C ILE A 29 25.20 21.71 36.01
N VAL A 30 24.28 21.95 35.05
CA VAL A 30 23.92 20.97 34.04
C VAL A 30 23.72 21.68 32.72
N SER A 31 24.19 21.08 31.62
CA SER A 31 23.94 21.56 30.27
C SER A 31 23.13 20.43 29.59
N SER A 32 22.03 20.65 28.86
CA SER A 32 21.37 19.47 28.35
C SER A 32 20.73 19.64 26.99
N PHE A 33 20.20 18.54 26.48
CA PHE A 33 19.43 18.49 25.25
C PHE A 33 18.35 17.47 25.57
N PHE A 34 17.06 17.74 25.35
CA PHE A 34 16.07 16.80 25.85
C PHE A 34 14.74 17.09 25.18
N THR A 35 13.80 16.13 25.30
CA THR A 35 12.45 16.35 24.82
C THR A 35 11.61 16.53 26.10
N TYR A 36 10.51 17.28 26.03
CA TYR A 36 9.71 17.44 27.23
C TYR A 36 8.26 17.74 26.88
N THR A 37 7.38 17.13 27.65
CA THR A 37 5.97 17.51 27.71
C THR A 37 5.55 17.14 29.12
N GLY A 38 4.55 17.83 29.68
CA GLY A 38 4.14 17.59 31.06
C GLY A 38 2.77 18.23 31.39
N PRO A 39 2.40 18.14 32.64
CA PRO A 39 1.10 18.57 33.14
C PRO A 39 0.72 20.01 32.84
N ALA A 40 1.72 20.89 32.87
CA ALA A 40 1.49 22.29 32.50
C ALA A 40 1.10 22.32 31.03
N HIS A 41 1.38 21.28 30.25
CA HIS A 41 0.93 21.31 28.83
C HIS A 41 -0.25 20.37 28.61
N GLY A 42 -0.88 19.97 29.70
CA GLY A 42 -2.04 19.08 29.63
C GLY A 42 -1.70 17.60 29.43
N THR A 43 -0.44 17.18 29.49
CA THR A 43 -0.11 15.77 29.25
C THR A 43 0.59 15.16 30.46
N GLN A 44 0.87 13.86 30.33
CA GLN A 44 1.69 13.22 31.37
C GLN A 44 3.12 13.76 31.12
N TRP A 45 3.93 13.72 32.13
CA TRP A 45 5.32 14.13 32.08
C TRP A 45 6.15 13.04 31.40
N ASP A 46 6.41 13.27 30.10
CA ASP A 46 7.23 12.36 29.30
C ASP A 46 8.47 13.12 28.80
N GLU A 47 9.65 12.70 29.13
CA GLU A 47 10.88 13.46 28.82
C GLU A 47 12.02 12.52 28.53
N ILE A 48 12.87 12.87 27.56
CA ILE A 48 14.06 12.06 27.27
C ILE A 48 15.28 12.95 27.32
N ASP A 49 16.27 12.58 28.14
CA ASP A 49 17.42 13.42 28.38
C ASP A 49 18.79 13.03 27.87
N ILE A 50 19.55 14.07 27.56
CA ILE A 50 21.00 13.98 27.41
C ILE A 50 21.58 15.05 28.32
N GLU A 51 22.25 14.70 29.40
CA GLU A 51 22.68 15.71 30.37
C GLU A 51 24.17 15.67 30.66
N PHE A 52 24.81 16.83 30.68
CA PHE A 52 26.24 16.88 31.02
C PHE A 52 26.34 17.59 32.37
N LEU A 53 26.76 16.85 33.36
CA LEU A 53 26.94 17.30 34.74
C LEU A 53 28.29 18.00 34.79
N GLY A 54 28.29 19.33 34.93
CA GLY A 54 29.46 20.18 34.80
C GLY A 54 30.57 19.73 35.74
N LYS A 55 30.22 19.09 36.85
CA LYS A 55 31.27 18.62 37.76
C LYS A 55 32.24 17.70 37.02
N ASP A 56 31.86 16.99 35.96
CA ASP A 56 32.77 16.11 35.25
C ASP A 56 32.27 15.86 33.84
N THR A 57 32.78 16.68 32.95
CA THR A 57 32.43 16.69 31.55
C THR A 57 33.15 15.59 30.79
N THR A 58 33.76 14.63 31.48
CA THR A 58 34.34 13.48 30.73
C THR A 58 33.29 12.38 30.77
N LYS A 59 32.11 12.72 31.35
CA LYS A 59 30.99 11.81 31.36
C LYS A 59 29.71 12.45 30.80
N VAL A 60 28.79 11.62 30.33
CA VAL A 60 27.48 12.04 29.88
C VAL A 60 26.45 11.18 30.62
N GLN A 61 25.31 11.77 30.96
CA GLN A 61 24.23 11.09 31.62
C GLN A 61 22.98 11.03 30.73
N PHE A 62 22.43 9.83 30.63
CA PHE A 62 21.23 9.57 29.88
C PHE A 62 20.11 9.26 30.85
N ASN A 63 18.90 9.70 30.53
CA ASN A 63 17.80 9.45 31.46
C ASN A 63 16.49 9.60 30.68
N TYR A 64 15.37 9.40 31.38
CA TYR A 64 14.07 9.62 30.80
C TYR A 64 13.03 9.51 31.91
N TYR A 65 11.92 10.20 31.71
CA TYR A 65 10.81 10.22 32.60
C TYR A 65 9.59 9.79 31.78
N THR A 66 8.77 8.93 32.35
CA THR A 66 7.51 8.52 31.73
C THR A 66 6.42 8.67 32.78
N ASN A 67 5.39 9.48 32.51
CA ASN A 67 4.35 9.68 33.51
C ASN A 67 4.99 10.16 34.81
N GLY A 68 6.08 10.95 34.65
CA GLY A 68 6.68 11.54 35.84
C GLY A 68 7.60 10.62 36.62
N VAL A 69 7.84 9.41 36.11
CA VAL A 69 8.74 8.49 36.84
C VAL A 69 10.11 8.47 36.16
N GLY A 70 11.15 8.92 36.80
CA GLY A 70 12.51 8.90 36.26
C GLY A 70 13.22 7.68 36.88
N GLY A 71 14.46 7.87 37.30
CA GLY A 71 15.15 6.72 37.94
C GLY A 71 15.81 5.87 36.86
N HIS A 72 16.01 6.39 35.65
CA HIS A 72 16.64 5.54 34.63
C HIS A 72 18.07 5.99 34.32
N GLU A 73 18.72 6.72 35.21
CA GLU A 73 20.04 7.27 34.93
C GLU A 73 21.10 6.25 34.53
N LYS A 74 21.80 6.58 33.44
CA LYS A 74 22.95 5.83 32.99
C LYS A 74 24.06 6.84 32.71
N VAL A 75 25.16 6.74 33.44
CA VAL A 75 26.31 7.58 33.24
C VAL A 75 27.30 6.84 32.35
N ILE A 76 27.81 7.48 31.30
CA ILE A 76 28.83 6.81 30.51
C ILE A 76 30.08 7.70 30.40
N SER A 77 31.23 7.03 30.47
CA SER A 77 32.52 7.68 30.29
C SER A 77 32.72 7.90 28.80
N LEU A 78 33.04 9.11 28.38
CA LEU A 78 33.16 9.55 27.02
C LEU A 78 34.48 9.24 26.31
N GLY A 79 35.58 9.35 27.01
CA GLY A 79 36.89 9.10 26.36
C GLY A 79 37.47 10.43 25.89
N PHE A 80 36.77 11.50 26.30
CA PHE A 80 37.24 12.85 25.95
C PHE A 80 36.53 13.79 26.92
N ASP A 81 37.03 15.03 26.93
CA ASP A 81 36.37 16.05 27.75
C ASP A 81 35.32 16.73 26.87
N ALA A 82 34.03 16.50 27.14
CA ALA A 82 33.00 17.09 26.25
C ALA A 82 33.04 18.60 26.17
N SER A 83 33.55 19.25 27.21
CA SER A 83 33.65 20.72 27.23
C SER A 83 34.76 21.28 26.36
N LYS A 84 35.63 20.41 25.84
CA LYS A 84 36.73 20.93 25.02
C LYS A 84 36.42 20.97 23.54
N GLY A 85 35.26 20.53 23.09
CA GLY A 85 34.99 20.52 21.65
C GLY A 85 33.59 20.01 21.33
N PHE A 86 33.13 20.28 20.12
CA PHE A 86 31.82 19.86 19.65
C PHE A 86 31.80 18.39 19.25
N HIS A 87 30.76 17.71 19.70
CA HIS A 87 30.52 16.29 19.47
C HIS A 87 29.02 16.13 19.21
N THR A 88 28.66 15.05 18.56
CA THR A 88 27.28 14.78 18.19
C THR A 88 26.66 13.77 19.13
N TYR A 89 25.60 14.17 19.85
CA TYR A 89 24.91 13.23 20.76
C TYR A 89 23.56 12.95 20.19
N ALA A 90 22.96 11.79 20.41
CA ALA A 90 21.63 11.54 19.80
C ALA A 90 20.88 10.45 20.52
N PHE A 91 19.57 10.39 20.34
CA PHE A 91 18.82 9.29 20.91
C PHE A 91 17.77 8.96 19.84
N ASP A 92 17.59 7.68 19.61
CA ASP A 92 16.51 7.21 18.73
C ASP A 92 15.36 6.79 19.65
N TRP A 93 14.23 7.51 19.54
CA TRP A 93 13.12 7.20 20.44
C TRP A 93 12.06 6.43 19.66
N GLN A 94 11.71 5.24 20.09
CA GLN A 94 10.63 4.45 19.49
C GLN A 94 9.72 3.90 20.59
N PRO A 95 8.57 3.33 20.25
CA PRO A 95 7.67 2.83 21.26
C PRO A 95 8.28 1.79 22.19
N GLY A 96 9.20 0.94 21.71
CA GLY A 96 9.71 -0.11 22.61
C GLY A 96 11.13 0.12 23.09
N TYR A 97 11.76 1.26 22.71
CA TYR A 97 13.11 1.46 23.24
C TYR A 97 13.57 2.88 22.99
N ILE A 98 14.70 3.18 23.61
CA ILE A 98 15.45 4.40 23.36
C ILE A 98 16.91 3.96 23.21
N LYS A 99 17.58 4.38 22.19
CA LYS A 99 19.00 4.10 21.99
C LYS A 99 19.71 5.47 21.93
N TRP A 100 20.78 5.62 22.69
CA TRP A 100 21.57 6.83 22.72
C TRP A 100 22.94 6.59 22.08
N TYR A 101 23.45 7.65 21.43
CA TYR A 101 24.68 7.58 20.67
C TYR A 101 25.63 8.73 20.95
N VAL A 102 26.95 8.49 20.80
CA VAL A 102 27.96 9.50 20.95
C VAL A 102 28.87 9.47 19.71
N ASP A 103 28.88 10.52 18.93
CA ASP A 103 29.65 10.60 17.72
C ASP A 103 29.31 9.43 16.81
N GLY A 104 28.03 9.06 16.78
CA GLY A 104 27.56 7.98 15.93
C GLY A 104 27.71 6.59 16.53
N VAL A 105 28.33 6.44 17.68
CA VAL A 105 28.43 5.10 18.29
C VAL A 105 27.36 4.80 19.33
N LEU A 106 26.75 3.61 19.25
CA LEU A 106 25.72 3.20 20.19
C LEU A 106 26.33 3.05 21.57
N LYS A 107 25.79 3.72 22.61
CA LYS A 107 26.37 3.60 23.91
C LYS A 107 25.42 3.05 24.96
N HIS A 108 24.11 3.12 24.75
CA HIS A 108 23.17 2.62 25.74
C HIS A 108 21.78 2.44 25.13
N THR A 109 21.12 1.35 25.51
CA THR A 109 19.77 1.04 25.07
C THR A 109 18.88 0.86 26.28
N ALA A 110 17.68 1.44 26.25
CA ALA A 110 16.74 1.29 27.33
C ALA A 110 15.45 0.67 26.79
N THR A 111 14.76 -0.13 27.57
CA THR A 111 13.52 -0.73 27.14
C THR A 111 12.44 -0.62 28.20
N ALA A 112 12.76 -0.33 29.45
CA ALA A 112 11.73 -0.26 30.48
C ALA A 112 10.88 1.00 30.45
N ASN A 113 9.58 0.93 30.37
CA ASN A 113 8.64 2.03 30.57
C ASN A 113 9.04 3.27 29.76
N ILE A 114 9.01 3.12 28.44
CA ILE A 114 9.42 4.12 27.51
C ILE A 114 8.29 5.15 27.35
N PRO A 115 8.61 6.44 27.24
CA PRO A 115 7.61 7.47 27.04
C PRO A 115 6.86 7.30 25.72
N SER A 116 5.71 7.96 25.57
CA SER A 116 4.99 7.89 24.33
C SER A 116 4.38 9.23 23.92
N THR A 117 4.45 10.28 24.71
CA THR A 117 3.79 11.53 24.29
C THR A 117 4.75 12.49 23.60
N PRO A 118 4.45 12.91 22.36
CA PRO A 118 5.24 13.85 21.62
C PRO A 118 5.60 15.06 22.47
N GLY A 119 6.83 15.55 22.47
CA GLY A 119 7.13 16.72 23.30
C GLY A 119 7.91 17.76 22.46
N LYS A 120 8.29 18.82 23.18
CA LYS A 120 9.12 19.84 22.51
C LYS A 120 10.59 19.51 22.64
N ILE A 121 11.43 19.98 21.74
CA ILE A 121 12.87 19.79 21.80
C ILE A 121 13.40 20.95 22.65
N MET A 122 14.27 20.66 23.62
CA MET A 122 14.73 21.72 24.49
C MET A 122 16.22 21.67 24.77
N MET A 123 16.75 22.80 25.18
CA MET A 123 18.20 22.82 25.50
C MET A 123 18.37 23.82 26.63
N ASN A 124 19.02 23.44 27.73
CA ASN A 124 19.08 24.42 28.83
C ASN A 124 20.42 24.26 29.56
N LEU A 125 20.71 25.27 30.34
CA LEU A 125 21.91 25.30 31.19
C LEU A 125 21.45 25.93 32.49
N TRP A 126 21.75 25.33 33.65
CA TRP A 126 21.24 25.76 34.92
C TRP A 126 22.10 25.31 36.09
N ASN A 127 21.95 26.02 37.22
CA ASN A 127 22.71 25.69 38.43
C ASN A 127 21.72 25.10 39.44
N GLY A 128 22.11 24.05 40.17
CA GLY A 128 21.19 23.38 41.05
C GLY A 128 21.36 23.76 42.50
N THR A 129 20.31 23.48 43.30
CA THR A 129 20.31 23.65 44.73
C THR A 129 19.62 22.37 45.28
N GLY A 130 20.11 21.90 46.42
CA GLY A 130 19.52 20.72 47.04
C GLY A 130 19.89 19.42 46.35
N VAL A 131 20.78 19.44 45.35
CA VAL A 131 21.22 18.18 44.71
C VAL A 131 22.75 18.07 44.69
N ASP A 132 23.40 18.43 45.81
CA ASP A 132 24.86 18.42 45.87
C ASP A 132 25.49 17.05 45.64
N ASP A 133 24.81 16.00 46.04
CA ASP A 133 25.28 14.64 45.82
C ASP A 133 25.27 14.36 44.31
N TRP A 134 24.34 14.96 43.57
CA TRP A 134 24.25 14.72 42.13
C TRP A 134 25.16 15.67 41.36
N LEU A 135 25.10 16.99 41.59
CA LEU A 135 25.89 17.86 40.72
C LEU A 135 27.16 18.46 41.30
N GLY A 136 27.34 18.24 42.61
CA GLY A 136 28.29 19.05 43.38
C GLY A 136 27.53 20.36 43.70
N SER A 137 27.95 21.17 44.66
CA SER A 137 27.28 22.45 44.93
C SER A 137 27.78 23.47 43.91
N TYR A 138 26.98 24.45 43.51
CA TYR A 138 27.43 25.46 42.55
C TYR A 138 28.22 26.54 43.32
N ASN A 139 29.41 26.93 42.80
CA ASN A 139 30.22 27.91 43.54
C ASN A 139 30.03 29.36 43.10
N GLY A 140 29.00 29.68 42.27
CA GLY A 140 28.81 31.05 41.84
C GLY A 140 29.69 31.45 40.66
N ALA A 141 30.72 30.71 40.26
CA ALA A 141 31.51 31.06 39.08
C ALA A 141 30.66 31.45 37.88
N ASN A 142 30.95 32.57 37.23
CA ASN A 142 30.20 33.06 36.09
C ASN A 142 30.97 34.17 35.39
N PRO A 143 30.59 34.47 34.15
CA PRO A 143 29.54 33.77 33.43
C PRO A 143 29.96 32.39 32.95
N LEU A 144 29.01 31.47 32.71
CA LEU A 144 29.44 30.17 32.15
C LEU A 144 28.59 29.97 30.89
N TYR A 145 29.06 29.18 29.96
CA TYR A 145 28.31 28.99 28.72
C TYR A 145 28.26 27.55 28.20
N ALA A 146 27.16 27.20 27.57
CA ALA A 146 26.99 25.92 26.90
C ALA A 146 26.72 26.24 25.42
N GLU A 147 27.36 25.57 24.48
CA GLU A 147 27.10 25.90 23.07
C GLU A 147 26.57 24.76 22.22
N TYR A 148 25.68 25.09 21.30
CA TYR A 148 25.02 24.11 20.46
C TYR A 148 25.19 24.54 18.99
N ASP A 149 25.73 23.62 18.20
CA ASP A 149 25.97 23.97 16.77
C ASP A 149 24.73 23.69 15.94
N TRP A 150 24.01 22.55 16.07
CA TRP A 150 22.83 22.31 15.26
C TRP A 150 22.00 21.24 16.00
N VAL A 151 20.78 21.11 15.58
CA VAL A 151 19.79 20.19 16.13
C VAL A 151 19.11 19.59 14.89
N LYS A 152 18.79 18.29 14.94
CA LYS A 152 18.10 17.67 13.78
C LYS A 152 17.15 16.61 14.28
N TYR A 153 15.93 16.51 13.77
CA TYR A 153 14.99 15.49 14.17
C TYR A 153 14.55 14.77 12.90
N THR A 154 14.62 13.42 12.86
CA THR A 154 14.08 12.79 11.65
C THR A 154 13.06 11.74 12.03
N SER A 155 11.86 11.87 11.49
CA SER A 155 10.73 11.02 11.77
C SER A 155 10.77 9.71 10.98
N ASN A 156 9.97 8.76 11.46
CA ASN A 156 9.95 7.42 10.91
C ASN A 156 9.35 7.31 9.52
N ALA A 157 9.90 6.40 8.72
CA ALA A 157 9.32 6.14 7.39
C ALA A 157 8.13 5.18 7.37
N SER A 158 7.98 4.23 8.27
CA SER A 158 6.92 3.20 7.97
C SER A 158 7.10 2.35 6.70
N THR A 159 8.34 1.85 6.52
CA THR A 159 8.68 0.87 5.51
C THR A 159 8.14 -0.45 6.08
N ASP A 160 7.59 -1.36 5.29
CA ASP A 160 7.06 -2.61 5.82
C ASP A 160 7.67 -3.85 5.15
N TYR A 161 8.64 -3.58 4.25
CA TYR A 161 9.24 -4.64 3.45
C TYR A 161 10.74 -4.72 3.53
N TRP A 162 11.24 -5.95 3.67
CA TRP A 162 12.63 -6.29 3.78
C TRP A 162 13.01 -7.25 2.65
N GLN A 163 14.01 -6.80 1.88
CA GLN A 163 14.44 -7.56 0.72
C GLN A 163 15.90 -7.95 0.88
N ASN A 164 16.15 -9.25 0.74
CA ASN A 164 17.46 -9.84 0.92
C ASN A 164 17.57 -11.03 -0.05
N TRP A 165 17.97 -10.72 -1.28
CA TRP A 165 18.13 -11.72 -2.32
C TRP A 165 19.59 -11.78 -2.80
N THR A 166 20.09 -13.00 -2.82
CA THR A 166 21.38 -13.32 -3.42
C THR A 166 21.24 -14.48 -4.38
N ASP A 167 21.96 -14.50 -5.50
CA ASP A 167 21.95 -15.65 -6.39
C ASP A 167 22.83 -16.77 -5.85
N GLY A 168 23.39 -16.60 -4.66
CA GLY A 168 24.24 -17.69 -4.13
C GLY A 168 25.73 -17.49 -4.42
N GLY A 169 26.09 -16.55 -5.31
CA GLY A 169 27.55 -16.36 -5.52
C GLY A 169 28.15 -15.49 -4.42
N GLY A 170 29.34 -15.88 -3.95
CA GLY A 170 30.12 -15.16 -2.96
C GLY A 170 29.37 -14.98 -1.64
N ILE A 171 29.74 -13.96 -0.89
CA ILE A 171 29.06 -13.75 0.40
C ILE A 171 28.29 -12.45 0.41
N VAL A 172 27.06 -12.51 0.92
CA VAL A 172 26.27 -11.29 1.08
C VAL A 172 25.79 -11.21 2.54
N ASN A 173 26.41 -10.39 3.38
CA ASN A 173 25.94 -10.27 4.78
C ASN A 173 25.01 -9.09 4.91
N ALA A 174 23.71 -9.32 4.75
CA ALA A 174 22.76 -8.20 4.85
C ALA A 174 22.18 -8.16 6.27
N VAL A 175 21.97 -6.94 6.76
CA VAL A 175 21.47 -6.78 8.13
C VAL A 175 20.14 -6.03 8.12
N ASN A 176 19.06 -6.73 8.46
CA ASN A 176 17.76 -6.06 8.62
C ASN A 176 17.86 -5.23 9.92
N GLY A 177 18.10 -3.93 9.86
CA GLY A 177 18.31 -3.12 11.05
C GLY A 177 17.02 -2.51 11.58
N SER A 178 17.11 -1.72 12.62
CA SER A 178 15.93 -1.12 13.25
C SER A 178 15.20 -0.16 12.31
N GLY A 179 13.87 -0.10 12.36
CA GLY A 179 13.12 0.79 11.53
C GLY A 179 13.39 0.66 10.04
N GLY A 180 13.73 1.79 9.44
CA GLY A 180 14.07 1.86 8.03
C GLY A 180 15.53 1.66 7.67
N ASN A 181 16.42 1.32 8.60
CA ASN A 181 17.84 1.10 8.35
C ASN A 181 18.20 -0.32 7.92
N TYR A 182 19.22 -0.46 7.10
CA TYR A 182 19.74 -1.77 6.69
C TYR A 182 21.23 -1.55 6.41
N SER A 183 21.98 -2.64 6.39
CA SER A 183 23.39 -2.50 5.95
C SER A 183 23.74 -3.79 5.18
N VAL A 184 24.76 -3.73 4.31
CA VAL A 184 25.16 -4.87 3.55
C VAL A 184 26.70 -4.89 3.51
N ASN A 185 27.31 -6.04 3.76
CA ASN A 185 28.76 -6.13 3.56
C ASN A 185 28.90 -7.35 2.61
N TRP A 186 29.55 -7.13 1.48
CA TRP A 186 29.58 -8.23 0.49
C TRP A 186 30.96 -8.54 -0.02
N SER A 187 31.15 -9.82 -0.40
CA SER A 187 32.48 -10.26 -0.80
C SER A 187 32.48 -11.12 -2.03
N ASN A 188 33.16 -10.62 -3.08
CA ASN A 188 33.31 -11.30 -4.35
C ASN A 188 32.04 -11.99 -4.78
N THR A 189 30.97 -11.23 -5.02
CA THR A 189 29.68 -11.92 -5.27
C THR A 189 29.30 -12.22 -6.70
N GLY A 190 28.19 -12.91 -6.86
CA GLY A 190 27.47 -12.97 -8.12
C GLY A 190 26.51 -11.73 -7.95
N ASN A 191 25.28 -11.92 -8.38
CA ASN A 191 24.31 -10.84 -8.30
C ASN A 191 23.46 -10.90 -7.03
N PHE A 192 23.20 -9.75 -6.45
CA PHE A 192 22.26 -9.68 -5.33
C PHE A 192 21.51 -8.34 -5.30
N VAL A 193 20.47 -8.27 -4.48
CA VAL A 193 19.65 -7.09 -4.30
C VAL A 193 19.14 -7.09 -2.85
N VAL A 194 19.54 -6.08 -2.09
CA VAL A 194 19.13 -5.96 -0.70
C VAL A 194 18.56 -4.56 -0.49
N GLY A 195 17.43 -4.48 0.23
CA GLY A 195 16.90 -3.15 0.51
C GLY A 195 15.72 -3.16 1.46
N LYS A 196 15.38 -1.97 1.97
CA LYS A 196 14.17 -1.83 2.74
C LYS A 196 13.22 -0.95 1.90
N GLY A 197 11.95 -1.20 2.08
CA GLY A 197 10.96 -0.38 1.40
C GLY A 197 9.52 -0.81 1.70
N TRP A 198 8.68 -0.78 0.69
CA TRP A 198 7.27 -1.10 0.78
C TRP A 198 6.81 -2.31 -0.05
N THR A 199 5.87 -3.04 0.53
CA THR A 199 5.33 -4.26 -0.07
C THR A 199 4.56 -3.94 -1.35
N THR A 200 3.90 -2.78 -1.34
CA THR A 200 3.12 -2.32 -2.45
C THR A 200 3.70 -0.96 -2.83
N GLY A 201 4.32 -0.91 -4.04
CA GLY A 201 4.91 0.35 -4.42
C GLY A 201 3.84 1.34 -4.87
N SER A 202 4.29 2.60 -5.01
CA SER A 202 3.32 3.56 -5.53
C SER A 202 3.98 4.61 -6.42
N PRO A 203 3.31 4.98 -7.51
CA PRO A 203 3.79 5.97 -8.44
C PRO A 203 3.81 7.36 -7.85
N PHE A 204 3.20 7.48 -6.66
CA PHE A 204 3.18 8.76 -5.96
C PHE A 204 4.17 8.82 -4.78
N ARG A 205 4.76 7.74 -4.33
CA ARG A 205 5.68 7.80 -3.19
C ARG A 205 6.86 8.75 -3.38
N THR A 206 7.23 9.42 -2.29
CA THR A 206 8.40 10.27 -2.14
C THR A 206 9.35 9.50 -1.19
N ILE A 207 10.50 9.03 -1.67
CA ILE A 207 11.43 8.21 -0.89
C ILE A 207 12.54 9.14 -0.39
N ASN A 208 12.76 9.17 0.90
CA ASN A 208 13.78 9.96 1.56
C ASN A 208 14.76 8.95 2.17
N TYR A 209 16.05 9.05 1.88
CA TYR A 209 16.95 8.11 2.50
C TYR A 209 18.22 8.88 2.87
N ASN A 210 19.09 8.17 3.53
CA ASN A 210 20.44 8.66 3.72
C ASN A 210 21.32 7.42 3.57
N ALA A 211 22.34 7.43 2.76
CA ALA A 211 23.31 6.34 2.73
C ALA A 211 24.49 6.73 3.62
N GLY A 212 24.50 6.30 4.89
CA GLY A 212 25.56 6.68 5.79
C GLY A 212 26.87 6.05 5.30
N VAL A 213 26.75 4.91 4.63
CA VAL A 213 27.91 4.25 4.04
C VAL A 213 27.56 3.85 2.60
N TRP A 214 28.37 4.28 1.66
CA TRP A 214 28.26 3.90 0.26
C TRP A 214 29.70 3.63 -0.17
N ALA A 215 30.09 2.37 -0.14
CA ALA A 215 31.50 2.02 -0.38
C ALA A 215 31.57 0.73 -1.19
N PRO A 216 31.00 0.72 -2.41
CA PRO A 216 31.10 -0.41 -3.28
C PRO A 216 32.56 -0.50 -3.74
N ASN A 217 33.07 -1.70 -3.88
CA ASN A 217 34.44 -1.90 -4.36
C ASN A 217 34.26 -2.69 -5.64
N GLY A 218 33.80 -2.03 -6.70
CA GLY A 218 33.47 -2.81 -7.93
C GLY A 218 32.05 -2.34 -8.35
N ASN A 219 31.27 -3.15 -8.99
CA ASN A 219 29.92 -2.93 -9.49
C ASN A 219 28.86 -3.06 -8.39
N GLY A 220 28.30 -1.97 -7.94
CA GLY A 220 27.25 -1.88 -6.95
C GLY A 220 26.37 -0.68 -7.36
N TYR A 221 25.08 -0.73 -7.10
CA TYR A 221 24.17 0.35 -7.45
C TYR A 221 23.45 0.80 -6.15
N LEU A 222 23.31 2.09 -5.99
CA LEU A 222 22.52 2.65 -4.85
C LEU A 222 21.31 3.22 -5.55
N THR A 223 20.17 2.52 -5.37
CA THR A 223 19.05 2.71 -6.32
C THR A 223 17.69 2.40 -5.76
N LEU A 224 16.72 3.22 -6.19
CA LEU A 224 15.31 2.94 -5.91
C LEU A 224 15.06 1.73 -6.83
N TYR A 225 14.47 0.68 -6.28
CA TYR A 225 14.22 -0.53 -7.08
C TYR A 225 12.80 -1.04 -6.85
N GLY A 226 12.15 -1.51 -7.92
CA GLY A 226 10.85 -2.17 -7.69
C GLY A 226 10.30 -2.83 -8.95
N TRP A 227 9.10 -3.44 -8.72
CA TRP A 227 8.45 -4.09 -9.83
C TRP A 227 6.96 -3.77 -9.94
N THR A 228 6.45 -4.08 -11.13
CA THR A 228 5.01 -4.03 -11.36
C THR A 228 4.69 -5.35 -12.11
N ARG A 229 3.44 -5.75 -12.09
CA ARG A 229 2.99 -6.91 -12.87
C ARG A 229 1.90 -6.38 -13.79
N SER A 230 1.51 -7.13 -14.83
CA SER A 230 0.50 -6.64 -15.76
C SER A 230 0.74 -5.30 -16.42
N PRO A 231 1.83 -5.21 -17.19
CA PRO A 231 2.80 -6.27 -17.31
C PRO A 231 4.00 -6.20 -16.36
N LEU A 232 4.76 -7.27 -16.32
CA LEU A 232 5.98 -7.44 -15.57
C LEU A 232 7.06 -6.46 -16.09
N ILE A 233 7.43 -5.54 -15.19
CA ILE A 233 8.41 -4.50 -15.46
C ILE A 233 9.23 -4.23 -14.21
N GLU A 234 10.55 -4.20 -14.38
CA GLU A 234 11.46 -3.94 -13.24
C GLU A 234 11.94 -2.53 -13.44
N TYR A 235 11.91 -1.65 -12.43
CA TYR A 235 12.32 -0.27 -12.65
C TYR A 235 13.39 0.11 -11.64
N TYR A 236 14.13 1.15 -12.00
CA TYR A 236 15.25 1.63 -11.25
C TYR A 236 15.36 3.16 -11.32
N VAL A 237 15.78 3.73 -10.22
CA VAL A 237 16.16 5.15 -10.14
C VAL A 237 17.51 5.07 -9.42
N VAL A 238 18.56 5.04 -10.24
CA VAL A 238 19.92 4.88 -9.68
C VAL A 238 20.47 6.24 -9.30
N ASP A 239 20.81 6.46 -8.02
CA ASP A 239 21.47 7.70 -7.58
C ASP A 239 22.99 7.61 -7.58
N SER A 240 23.53 6.44 -7.23
CA SER A 240 24.99 6.29 -7.25
C SER A 240 25.37 4.87 -7.64
N TRP A 241 26.70 4.65 -7.84
CA TRP A 241 27.09 3.33 -8.31
C TRP A 241 28.56 3.14 -7.97
N GLY A 242 29.15 2.11 -8.57
CA GLY A 242 30.55 1.79 -8.23
C GLY A 242 31.40 2.00 -9.49
N THR A 243 31.98 0.92 -9.95
CA THR A 243 32.85 1.06 -11.16
C THR A 243 32.08 0.94 -12.46
N TYR A 244 30.76 0.72 -12.45
CA TYR A 244 30.01 0.57 -13.69
C TYR A 244 28.73 1.38 -13.61
N ARG A 245 28.49 2.15 -14.66
CA ARG A 245 27.26 2.98 -14.76
C ARG A 245 26.28 2.27 -15.68
N PRO A 246 25.09 1.91 -15.20
CA PRO A 246 24.13 1.20 -15.96
C PRO A 246 23.55 2.04 -17.10
N THR A 247 23.48 1.49 -18.31
CA THR A 247 22.85 2.22 -19.41
C THR A 247 21.97 1.26 -20.18
N GLY A 248 21.32 1.73 -21.25
CA GLY A 248 20.58 0.83 -22.14
C GLY A 248 20.23 1.65 -23.38
N THR A 249 18.99 1.46 -23.87
CA THR A 249 18.69 2.28 -25.04
C THR A 249 18.22 3.63 -24.54
N TYR A 250 18.89 4.69 -24.93
CA TYR A 250 18.63 6.04 -24.44
C TYR A 250 17.29 6.59 -24.89
N LYS A 251 16.53 7.17 -23.95
CA LYS A 251 15.25 7.77 -24.29
C LYS A 251 15.27 9.30 -24.20
N GLY A 252 15.97 9.86 -23.22
CA GLY A 252 15.93 11.30 -23.00
C GLY A 252 16.37 11.51 -21.53
N THR A 253 15.90 12.60 -20.95
CA THR A 253 16.29 12.90 -19.57
C THR A 253 15.10 13.42 -18.74
N VAL A 254 15.39 13.55 -17.43
CA VAL A 254 14.41 14.07 -16.49
C VAL A 254 15.14 14.72 -15.32
N LYS A 255 14.73 15.92 -14.97
CA LYS A 255 15.35 16.65 -13.84
C LYS A 255 14.45 16.41 -12.64
N SER A 256 15.07 16.02 -11.51
CA SER A 256 14.27 15.72 -10.32
C SER A 256 15.17 15.76 -9.09
N ASP A 257 14.62 16.32 -8.01
CA ASP A 257 15.37 16.43 -6.75
C ASP A 257 16.76 16.96 -6.92
N GLY A 258 16.90 18.03 -7.72
CA GLY A 258 18.19 18.66 -7.97
C GLY A 258 19.13 17.92 -8.88
N GLY A 259 18.74 16.74 -9.36
CA GLY A 259 19.64 16.02 -10.27
C GLY A 259 19.00 15.87 -11.65
N THR A 260 19.85 15.53 -12.62
CA THR A 260 19.39 15.20 -13.94
C THR A 260 19.77 13.71 -14.15
N TYR A 261 18.81 12.96 -14.66
CA TYR A 261 18.95 11.56 -14.93
C TYR A 261 18.77 11.25 -16.43
N ASP A 262 19.55 10.29 -16.93
CA ASP A 262 19.36 9.79 -18.29
C ASP A 262 18.33 8.67 -18.19
N ILE A 263 17.36 8.59 -19.07
CA ILE A 263 16.32 7.60 -19.07
C ILE A 263 16.66 6.50 -20.09
N TYR A 264 16.63 5.27 -19.64
CA TYR A 264 16.91 4.18 -20.58
C TYR A 264 15.88 3.07 -20.44
N THR A 265 15.98 2.15 -21.39
CA THR A 265 15.17 0.91 -21.38
C THR A 265 16.15 -0.19 -21.76
N THR A 266 15.94 -1.37 -21.24
CA THR A 266 16.65 -2.60 -21.49
C THR A 266 15.63 -3.75 -21.41
N THR A 267 15.86 -4.77 -22.21
CA THR A 267 14.99 -5.94 -22.30
C THR A 267 15.72 -7.14 -21.72
N ARG A 268 14.96 -8.04 -21.11
CA ARG A 268 15.57 -9.21 -20.49
C ARG A 268 14.76 -10.47 -20.80
N TYR A 269 15.48 -11.56 -20.98
CA TYR A 269 14.89 -12.84 -21.37
C TYR A 269 15.49 -13.95 -20.53
N ASN A 270 14.69 -14.89 -20.05
CA ASN A 270 15.24 -16.02 -19.30
C ASN A 270 16.02 -15.66 -18.04
N ALA A 271 15.66 -14.61 -17.30
CA ALA A 271 16.42 -14.31 -16.08
C ALA A 271 15.44 -14.24 -14.90
N PRO A 272 15.94 -14.46 -13.71
CA PRO A 272 15.14 -14.40 -12.51
C PRO A 272 14.28 -13.14 -12.50
N SER A 273 13.00 -13.30 -12.22
CA SER A 273 12.05 -12.21 -12.08
C SER A 273 11.04 -12.57 -10.98
N ILE A 274 10.09 -11.70 -10.67
CA ILE A 274 9.12 -11.97 -9.62
C ILE A 274 8.03 -12.95 -10.07
N ASP A 275 7.87 -13.10 -11.38
CA ASP A 275 6.86 -14.01 -11.92
C ASP A 275 7.48 -15.36 -12.25
N GLY A 276 8.70 -15.59 -11.79
CA GLY A 276 9.39 -16.85 -12.07
C GLY A 276 10.79 -16.57 -12.62
N ASP A 277 11.75 -17.41 -12.27
CA ASP A 277 13.16 -17.25 -12.61
C ASP A 277 13.58 -17.40 -14.07
N ARG A 278 12.65 -17.49 -15.02
CA ARG A 278 12.96 -17.55 -16.45
C ARG A 278 11.83 -16.85 -17.20
N THR A 279 11.92 -15.53 -17.35
CA THR A 279 10.84 -14.77 -17.98
C THR A 279 11.35 -13.68 -18.92
N THR A 280 10.37 -12.97 -19.49
CA THR A 280 10.65 -11.93 -20.47
C THR A 280 9.91 -10.66 -20.12
N PHE A 281 10.77 -9.66 -19.82
CA PHE A 281 10.27 -8.36 -19.37
C PHE A 281 11.25 -7.22 -19.67
N THR A 282 10.71 -6.02 -19.66
CA THR A 282 11.54 -4.85 -19.80
C THR A 282 11.96 -4.26 -18.44
N GLN A 283 13.07 -3.54 -18.50
CA GLN A 283 13.58 -2.79 -17.35
C GLN A 283 13.50 -1.31 -17.77
N TYR A 284 13.01 -0.44 -16.91
CA TYR A 284 12.95 0.98 -17.08
C TYR A 284 14.00 1.63 -16.15
N TRP A 285 14.75 2.58 -16.69
CA TRP A 285 15.80 3.18 -15.86
C TRP A 285 15.82 4.72 -15.89
N SER A 286 16.04 5.29 -14.70
CA SER A 286 16.51 6.67 -14.58
C SER A 286 17.91 6.55 -13.95
N VAL A 287 18.94 6.99 -14.65
CA VAL A 287 20.31 6.88 -14.09
C VAL A 287 20.90 8.30 -13.98
N ARG A 288 21.33 8.68 -12.82
CA ARG A 288 21.85 10.04 -12.59
C ARG A 288 23.05 10.31 -13.46
N GLN A 289 23.18 11.51 -14.03
CA GLN A 289 24.30 11.73 -14.98
C GLN A 289 25.66 11.68 -14.34
N SER A 290 25.72 11.82 -13.03
CA SER A 290 26.92 11.71 -12.22
C SER A 290 26.50 11.21 -10.81
N LYS A 291 27.35 10.52 -10.09
CA LYS A 291 26.91 9.99 -8.79
C LYS A 291 26.45 11.07 -7.82
N ARG A 292 25.36 10.80 -7.11
CA ARG A 292 24.79 11.69 -6.11
C ARG A 292 25.70 11.66 -4.89
N PRO A 293 25.90 12.78 -4.20
CA PRO A 293 26.63 12.74 -2.93
C PRO A 293 25.88 11.83 -1.92
N THR A 294 26.59 11.07 -1.10
CA THR A 294 25.95 10.25 -0.08
C THR A 294 26.34 10.75 1.31
N GLY A 295 25.67 10.28 2.35
CA GLY A 295 26.07 10.72 3.70
C GLY A 295 25.10 11.75 4.25
N SER A 296 24.30 12.38 3.41
CA SER A 296 23.32 13.36 3.85
C SER A 296 21.95 12.90 3.39
N ASN A 297 20.93 13.60 3.78
CA ASN A 297 19.55 13.26 3.43
C ASN A 297 19.33 13.53 1.94
N ALA A 298 18.69 12.64 1.24
CA ALA A 298 18.43 12.73 -0.19
C ALA A 298 17.00 12.27 -0.43
N THR A 299 16.33 12.89 -1.36
CA THR A 299 14.96 12.56 -1.72
C THR A 299 14.83 12.12 -3.17
N ILE A 300 13.95 11.15 -3.40
CA ILE A 300 13.63 10.70 -4.74
C ILE A 300 12.11 10.89 -4.92
N THR A 301 11.71 11.88 -5.71
CA THR A 301 10.28 12.14 -5.94
C THR A 301 9.84 11.22 -7.05
N PHE A 302 9.46 10.00 -6.70
CA PHE A 302 9.27 8.95 -7.69
C PHE A 302 8.28 9.36 -8.76
N SER A 303 7.31 10.21 -8.42
CA SER A 303 6.32 10.57 -9.44
C SER A 303 6.99 11.35 -10.55
N ASN A 304 8.03 12.16 -10.33
CA ASN A 304 8.59 12.82 -11.48
C ASN A 304 9.17 11.85 -12.52
N HIS A 305 9.68 10.70 -12.06
CA HIS A 305 10.26 9.68 -12.90
C HIS A 305 9.14 8.93 -13.63
N VAL A 306 8.10 8.53 -12.88
CA VAL A 306 6.98 7.82 -13.51
C VAL A 306 6.41 8.69 -14.62
N ASN A 307 6.28 9.99 -14.34
CA ASN A 307 5.72 10.85 -15.36
C ASN A 307 6.66 11.03 -16.55
N ALA A 308 7.95 11.27 -16.29
CA ALA A 308 8.87 11.43 -17.43
C ALA A 308 8.91 10.12 -18.23
N TRP A 309 8.85 8.96 -17.61
CA TRP A 309 8.79 7.70 -18.31
C TRP A 309 7.51 7.68 -19.19
N LYS A 310 6.35 8.03 -18.60
CA LYS A 310 5.09 8.01 -19.36
C LYS A 310 5.30 8.79 -20.67
N SER A 311 5.87 9.97 -20.51
CA SER A 311 6.21 10.83 -21.61
C SER A 311 7.09 10.26 -22.71
N HIS A 312 7.90 9.27 -22.40
CA HIS A 312 8.80 8.73 -23.44
C HIS A 312 8.25 7.38 -23.86
N GLY A 313 6.94 7.23 -23.66
CA GLY A 313 6.27 5.99 -24.01
C GLY A 313 6.50 4.84 -23.06
N MET A 314 7.08 5.03 -21.86
CA MET A 314 7.28 3.90 -20.95
C MET A 314 6.23 3.91 -19.84
N ASN A 315 5.27 2.99 -19.86
CA ASN A 315 4.20 2.92 -18.88
C ASN A 315 4.36 1.72 -17.98
N LEU A 316 4.03 1.82 -16.69
CA LEU A 316 4.23 0.69 -15.77
C LEU A 316 3.01 -0.22 -15.63
N GLY A 317 3.13 -1.39 -15.04
CA GLY A 317 2.11 -2.38 -14.77
C GLY A 317 1.06 -1.82 -13.81
N SER A 318 -0.05 -2.56 -13.65
CA SER A 318 -1.09 -1.99 -12.77
C SER A 318 -1.16 -2.78 -11.50
N ASN A 319 -0.50 -3.92 -11.41
CA ASN A 319 -0.39 -4.64 -10.14
C ASN A 319 0.99 -4.22 -9.59
N TRP A 320 1.02 -3.31 -8.63
CA TRP A 320 2.28 -2.86 -8.05
C TRP A 320 2.86 -3.81 -7.01
N ALA A 321 4.08 -4.28 -7.18
CA ALA A 321 4.68 -5.17 -6.19
C ALA A 321 5.70 -4.33 -5.39
N TYR A 322 6.70 -4.95 -4.79
CA TYR A 322 7.59 -4.22 -3.90
C TYR A 322 8.35 -3.04 -4.49
N GLN A 323 8.78 -2.16 -3.58
CA GLN A 323 9.42 -0.88 -3.93
C GLN A 323 10.43 -0.56 -2.83
N VAL A 324 11.72 -0.67 -3.11
CA VAL A 324 12.72 -0.49 -2.07
C VAL A 324 13.88 0.41 -2.50
N MET A 325 14.53 0.90 -1.45
CA MET A 325 15.76 1.69 -1.64
C MET A 325 16.84 0.61 -1.52
N ALA A 326 17.38 0.20 -2.65
CA ALA A 326 18.29 -0.93 -2.64
C ALA A 326 19.76 -0.63 -2.82
N THR A 327 20.53 -1.64 -2.49
CA THR A 327 21.92 -1.86 -2.81
C THR A 327 21.91 -3.07 -3.74
N GLU A 328 22.31 -2.94 -5.01
CA GLU A 328 22.39 -4.16 -5.81
C GLU A 328 23.90 -4.32 -6.18
N GLY A 329 24.39 -5.55 -6.36
CA GLY A 329 25.76 -5.67 -6.85
C GLY A 329 25.93 -6.85 -7.80
N TYR A 330 27.11 -6.87 -8.44
CA TYR A 330 27.48 -7.97 -9.30
C TYR A 330 28.99 -8.10 -9.41
N GLN A 331 29.57 -9.29 -9.14
CA GLN A 331 31.01 -9.47 -9.29
C GLN A 331 31.81 -8.43 -8.54
N SER A 332 31.41 -8.17 -7.29
CA SER A 332 32.11 -7.12 -6.55
C SER A 332 32.14 -7.39 -5.04
N SER A 333 32.73 -6.46 -4.32
CA SER A 333 32.83 -6.45 -2.87
C SER A 333 32.38 -5.07 -2.42
N GLY A 334 32.09 -4.90 -1.13
CA GLY A 334 31.72 -3.54 -0.68
C GLY A 334 31.02 -3.56 0.67
N SER A 335 30.64 -2.36 1.07
CA SER A 335 29.81 -2.12 2.21
C SER A 335 28.82 -1.01 1.81
N SER A 336 27.64 -1.03 2.42
CA SER A 336 26.67 0.05 2.26
C SER A 336 25.92 0.09 3.62
N ASN A 337 25.43 1.27 3.95
CA ASN A 337 24.59 1.37 5.16
C ASN A 337 23.52 2.36 4.79
N VAL A 338 22.23 2.03 4.72
CA VAL A 338 21.24 2.98 4.21
C VAL A 338 20.04 3.05 5.17
N THR A 339 19.53 4.27 5.36
CA THR A 339 18.34 4.45 6.17
C THR A 339 17.26 5.14 5.36
N VAL A 340 16.09 4.52 5.26
CA VAL A 340 14.96 5.18 4.67
C VAL A 340 14.24 5.92 5.82
N TRP A 341 13.88 7.20 5.67
CA TRP A 341 13.27 7.97 6.74
C TRP A 341 11.98 8.66 6.29
N GLY A 342 11.35 9.34 7.26
CA GLY A 342 10.08 10.02 6.96
C GLY A 342 10.21 11.51 6.66
N SER A 343 10.55 12.39 7.60
CA SER A 343 10.65 13.82 7.34
C SER A 343 11.75 14.38 8.25
N VAL A 344 12.45 15.42 7.90
CA VAL A 344 13.51 15.98 8.72
C VAL A 344 13.16 17.39 9.17
N PHE A 345 13.45 17.63 10.45
CA PHE A 345 13.40 18.95 11.05
C PHE A 345 14.90 19.27 11.21
N TRP A 346 15.40 20.26 10.50
CA TRP A 346 16.80 20.68 10.57
C TRP A 346 16.91 22.13 11.06
N GLU A 347 17.74 22.31 12.10
CA GLU A 347 17.98 23.60 12.68
C GLU A 347 19.47 23.87 12.80
N PRO A 348 19.99 24.78 11.95
CA PRO A 348 21.40 25.12 11.96
C PRO A 348 21.78 26.05 13.09
N LYS A 349 20.79 26.58 13.78
CA LYS A 349 21.06 27.47 14.90
C LYS A 349 21.99 28.64 14.60
N SER A 350 21.79 29.30 13.49
CA SER A 350 22.73 30.38 13.11
C SER A 350 22.19 31.67 13.72
N TYR A 351 20.89 31.69 14.03
CA TYR A 351 20.26 32.81 14.69
C TYR A 351 18.89 32.40 15.26
N PHE A 352 18.31 33.29 16.01
CA PHE A 352 17.02 33.15 16.66
C PHE A 352 15.88 33.19 15.66
N ASN A 353 15.24 32.07 15.43
CA ASN A 353 14.08 32.03 14.53
C ASN A 353 12.86 31.86 15.42
N PRO A 354 12.07 32.90 15.57
CA PRO A 354 10.91 32.93 16.44
C PRO A 354 9.71 32.15 16.03
N SER A 355 9.62 31.62 14.80
CA SER A 355 8.49 30.76 14.46
C SER A 355 8.74 29.33 14.99
N THR A 356 10.01 28.94 15.08
CA THR A 356 10.21 27.51 15.45
C THR A 356 10.78 27.32 16.84
N TRP A 357 11.25 28.35 17.53
CA TRP A 357 11.86 28.31 18.83
C TRP A 357 11.41 29.48 19.68
N GLU A 358 11.53 29.23 21.01
CA GLU A 358 11.15 30.28 21.95
C GLU A 358 12.21 30.33 23.03
N LYS A 359 12.46 31.51 23.58
CA LYS A 359 13.46 31.62 24.66
C LYS A 359 12.75 31.68 26.02
N ALA A 360 12.92 30.70 26.91
CA ALA A 360 12.24 30.82 28.21
C ALA A 360 12.58 32.18 28.86
N ASP A 361 11.59 32.84 29.43
CA ASP A 361 11.89 34.17 30.00
C ASP A 361 10.99 34.58 31.15
N GLY A 362 11.53 35.12 32.26
CA GLY A 362 10.63 35.68 33.26
C GLY A 362 10.05 34.72 34.24
N TYR A 363 10.66 33.54 34.40
CA TYR A 363 10.10 32.64 35.42
C TYR A 363 11.20 31.60 35.69
N SER A 364 11.04 30.89 36.79
CA SER A 364 11.96 29.84 37.19
C SER A 364 11.26 28.48 37.19
N ASN A 365 12.00 27.42 36.94
CA ASN A 365 11.43 26.08 37.11
C ASN A 365 11.25 25.74 38.59
N GLY A 366 11.84 26.51 39.49
CA GLY A 366 11.74 26.17 40.96
C GLY A 366 12.39 24.84 41.23
N GLY A 367 12.08 24.21 42.36
CA GLY A 367 12.63 22.90 42.73
C GLY A 367 14.16 23.05 42.88
N VAL A 368 14.86 22.16 42.23
CA VAL A 368 16.31 22.12 42.23
C VAL A 368 16.93 23.20 41.37
N PHE A 369 16.13 23.87 40.50
CA PHE A 369 16.67 24.88 39.58
C PHE A 369 16.86 26.20 40.36
N ASN A 370 18.10 26.56 40.68
CA ASN A 370 18.36 27.72 41.53
C ASN A 370 18.65 28.96 40.68
N CYS A 371 17.77 29.29 39.76
CA CYS A 371 18.03 30.37 38.81
C CYS A 371 16.76 30.74 38.07
N THR A 372 16.69 31.91 37.47
CA THR A 372 15.47 32.28 36.70
C THR A 372 15.83 32.23 35.20
N TRP A 373 14.96 31.78 34.32
CA TRP A 373 15.24 31.82 32.90
C TRP A 373 15.18 33.26 32.38
N ARG A 374 16.14 33.64 31.57
CA ARG A 374 16.15 34.93 30.90
C ARG A 374 16.37 34.78 29.39
N ALA A 375 15.53 35.38 28.58
CA ALA A 375 15.81 35.45 27.15
C ALA A 375 17.15 36.17 26.92
N ASN A 376 17.55 37.10 27.79
CA ASN A 376 18.86 37.75 27.54
C ASN A 376 20.03 36.76 27.66
N ASN A 377 19.81 35.58 28.25
CA ASN A 377 20.96 34.66 28.34
C ASN A 377 20.98 33.61 27.21
N VAL A 378 20.13 33.82 26.20
CA VAL A 378 20.04 32.95 25.06
C VAL A 378 20.49 33.80 23.84
N ASN A 379 21.70 33.58 23.37
CA ASN A 379 22.19 34.37 22.25
C ASN A 379 22.82 33.45 21.21
N PHE A 380 23.07 34.08 20.07
CA PHE A 380 23.72 33.46 18.94
C PHE A 380 25.07 34.12 18.73
N THR A 381 26.10 33.32 18.49
CA THR A 381 27.43 33.84 18.19
C THR A 381 27.49 34.14 16.68
N ASN A 382 28.58 34.79 16.27
CA ASN A 382 28.79 35.13 14.88
C ASN A 382 28.93 33.91 13.99
N ASP A 383 29.69 32.91 14.47
CA ASP A 383 29.86 31.71 13.68
C ASP A 383 28.61 30.83 13.64
N GLY A 384 27.47 31.39 13.99
CA GLY A 384 26.20 30.67 13.90
C GLY A 384 26.11 29.53 14.92
N LYS A 385 26.15 29.86 16.21
CA LYS A 385 25.93 28.89 17.27
C LYS A 385 25.03 29.45 18.37
N LEU A 386 24.25 28.52 18.98
CA LEU A 386 23.41 28.92 20.13
C LEU A 386 24.36 29.01 21.32
N LYS A 387 24.34 30.07 22.10
CA LYS A 387 25.22 30.21 23.26
C LYS A 387 24.32 30.48 24.46
N LEU A 388 24.30 29.53 25.38
CA LEU A 388 23.42 29.56 26.54
C LEU A 388 24.27 30.03 27.68
N GLY A 389 23.77 31.05 28.41
CA GLY A 389 24.62 31.50 29.51
C GLY A 389 24.02 31.42 30.91
N LEU A 390 24.89 31.23 31.88
CA LEU A 390 24.57 31.23 33.31
C LEU A 390 25.31 32.44 33.88
N THR A 391 24.57 33.43 34.36
CA THR A 391 25.11 34.68 34.85
C THR A 391 24.53 35.04 36.22
N SER A 392 25.18 36.02 36.80
CA SER A 392 24.76 36.51 38.10
C SER A 392 24.48 38.00 38.22
N SER A 393 23.41 38.23 38.99
CA SER A 393 22.86 39.46 39.49
C SER A 393 21.33 39.39 39.33
N PHE B 1 -3.05 -40.48 6.24
CA PHE B 1 -3.19 -39.70 4.96
C PHE B 1 -2.97 -38.22 5.20
N ASP B 2 -2.37 -37.51 4.27
CA ASP B 2 -2.10 -36.08 4.34
C ASP B 2 -2.98 -35.36 3.30
N CYS B 3 -3.56 -34.23 3.71
CA CYS B 3 -4.52 -33.56 2.81
C CYS B 3 -4.22 -32.09 2.70
N ALA B 4 -5.04 -31.30 1.97
CA ALA B 4 -4.57 -29.94 1.75
C ALA B 4 -5.68 -28.90 1.82
N GLU B 5 -5.37 -27.74 2.35
CA GLU B 5 -6.32 -26.65 2.46
C GLU B 5 -5.62 -25.31 2.33
N TYR B 6 -6.15 -24.44 1.47
CA TYR B 6 -5.52 -23.16 1.15
C TYR B 6 -6.56 -22.08 1.47
N ARG B 7 -6.17 -21.08 2.25
CA ARG B 7 -7.26 -20.15 2.61
C ARG B 7 -6.76 -18.73 2.66
N SER B 8 -7.65 -17.78 2.37
CA SER B 8 -7.29 -16.38 2.35
C SER B 8 -6.97 -15.89 3.77
N THR B 9 -6.11 -14.90 3.89
CA THR B 9 -5.75 -14.28 5.14
C THR B 9 -6.78 -13.18 5.45
N ASN B 10 -7.44 -12.62 4.45
CA ASN B 10 -8.46 -11.60 4.63
C ASN B 10 -9.87 -12.19 4.69
N ILE B 11 -10.85 -11.45 5.16
CA ILE B 11 -12.23 -11.94 5.21
C ILE B 11 -13.04 -11.15 4.18
N TYR B 12 -14.08 -11.77 3.63
CA TYR B 12 -14.83 -11.20 2.53
C TYR B 12 -16.33 -11.25 2.83
N GLY B 13 -17.08 -10.24 2.36
CA GLY B 13 -18.50 -10.24 2.64
C GLY B 13 -19.40 -10.54 1.47
N TYR B 14 -20.56 -9.90 1.39
CA TYR B 14 -21.54 -10.10 0.34
C TYR B 14 -20.90 -9.76 -1.02
N GLY B 15 -21.30 -10.51 -2.04
CA GLY B 15 -20.66 -10.30 -3.36
C GLY B 15 -20.65 -11.63 -4.13
N LEU B 16 -20.04 -11.63 -5.33
CA LEU B 16 -20.05 -12.83 -6.16
C LEU B 16 -18.69 -13.54 -6.00
N TYR B 17 -18.75 -14.84 -5.75
CA TYR B 17 -17.50 -15.61 -5.57
C TYR B 17 -17.38 -16.62 -6.70
N GLU B 18 -16.30 -16.59 -7.45
CA GLU B 18 -16.21 -17.52 -8.57
C GLU B 18 -14.89 -18.27 -8.51
N VAL B 19 -14.92 -19.46 -9.06
CA VAL B 19 -13.67 -20.21 -9.09
C VAL B 19 -13.67 -21.07 -10.35
N SER B 20 -12.50 -21.24 -10.93
CA SER B 20 -12.37 -22.16 -12.07
C SER B 20 -11.55 -23.39 -11.58
N MET B 21 -12.15 -24.58 -11.55
CA MET B 21 -11.48 -25.68 -10.85
C MET B 21 -11.89 -27.01 -11.46
N LYS B 22 -11.13 -28.05 -11.11
CA LYS B 22 -11.42 -29.42 -11.64
C LYS B 22 -11.14 -30.36 -10.46
N PRO B 23 -12.19 -30.82 -9.81
CA PRO B 23 -12.06 -31.62 -8.62
C PRO B 23 -11.46 -33.01 -8.86
N ALA B 24 -10.98 -33.64 -7.81
CA ALA B 24 -10.42 -35.00 -7.91
C ALA B 24 -11.56 -35.99 -8.02
N LYS B 25 -11.37 -37.15 -8.64
CA LYS B 25 -12.41 -38.14 -8.79
C LYS B 25 -11.97 -39.43 -8.07
N ASN B 26 -12.81 -39.94 -7.19
CA ASN B 26 -12.55 -41.13 -6.39
C ASN B 26 -13.67 -41.30 -5.34
N THR B 27 -14.09 -42.52 -5.06
CA THR B 27 -15.02 -42.72 -3.93
C THR B 27 -14.34 -42.24 -2.64
N GLY B 28 -15.10 -41.70 -1.67
CA GLY B 28 -14.57 -41.31 -0.39
C GLY B 28 -14.00 -39.95 -0.07
N ILE B 29 -13.88 -39.07 -1.05
CA ILE B 29 -13.29 -37.75 -0.91
C ILE B 29 -14.23 -36.62 -1.32
N VAL B 30 -13.81 -35.42 -0.93
CA VAL B 30 -14.49 -34.19 -1.30
C VAL B 30 -13.47 -33.13 -1.75
N SER B 31 -13.78 -32.42 -2.83
CA SER B 31 -12.93 -31.29 -3.25
C SER B 31 -13.87 -30.07 -3.11
N SER B 32 -13.35 -28.96 -2.59
CA SER B 32 -14.35 -27.87 -2.46
C SER B 32 -13.79 -26.48 -2.68
N PHE B 33 -14.71 -25.51 -2.67
CA PHE B 33 -14.44 -24.08 -2.70
C PHE B 33 -15.49 -23.52 -1.75
N PHE B 34 -15.17 -22.68 -0.76
CA PHE B 34 -16.20 -22.29 0.17
C PHE B 34 -15.75 -21.10 1.00
N THR B 35 -16.66 -20.37 1.63
CA THR B 35 -16.28 -19.26 2.49
C THR B 35 -16.44 -19.83 3.91
N TYR B 36 -15.57 -19.40 4.84
CA TYR B 36 -15.71 -20.01 6.16
C TYR B 36 -15.35 -18.97 7.21
N THR B 37 -16.12 -18.99 8.27
CA THR B 37 -15.79 -18.23 9.50
C THR B 37 -16.36 -19.07 10.64
N GLY B 38 -15.71 -19.12 11.80
CA GLY B 38 -16.18 -20.03 12.84
C GLY B 38 -15.39 -19.75 14.14
N PRO B 39 -15.52 -20.61 15.12
CA PRO B 39 -14.83 -20.50 16.41
C PRO B 39 -13.39 -20.09 16.38
N ALA B 40 -12.56 -20.64 15.53
CA ALA B 40 -11.17 -20.32 15.34
C ALA B 40 -10.95 -18.96 14.70
N HIS B 41 -12.00 -18.24 14.36
CA HIS B 41 -11.78 -16.92 13.76
C HIS B 41 -12.51 -15.97 14.72
N GLY B 42 -12.92 -16.49 15.86
CA GLY B 42 -13.63 -15.77 16.90
C GLY B 42 -15.08 -15.41 16.61
N THR B 43 -15.75 -16.17 15.76
CA THR B 43 -17.12 -15.86 15.35
C THR B 43 -17.99 -17.11 15.43
N GLN B 44 -19.26 -16.86 15.12
CA GLN B 44 -20.21 -17.96 14.88
C GLN B 44 -19.76 -18.61 13.56
N TRP B 45 -20.21 -19.82 13.31
CA TRP B 45 -19.96 -20.63 12.16
C TRP B 45 -20.91 -20.28 11.00
N ASP B 46 -20.38 -19.47 10.08
CA ASP B 46 -21.11 -19.08 8.87
C ASP B 46 -20.27 -19.60 7.69
N GLU B 47 -20.84 -20.37 6.77
CA GLU B 47 -20.05 -20.92 5.67
C GLU B 47 -20.91 -21.15 4.44
N ILE B 48 -20.42 -21.00 3.23
CA ILE B 48 -21.23 -21.29 2.03
C ILE B 48 -20.33 -22.19 1.17
N ASP B 49 -20.89 -23.26 0.65
CA ASP B 49 -20.16 -24.26 -0.04
C ASP B 49 -20.48 -24.61 -1.48
N ILE B 50 -19.41 -25.08 -2.11
CA ILE B 50 -19.49 -25.71 -3.42
C ILE B 50 -18.63 -26.96 -3.20
N GLU B 51 -19.28 -28.13 -3.17
CA GLU B 51 -18.58 -29.37 -2.92
C GLU B 51 -18.73 -30.40 -4.01
N PHE B 52 -17.60 -30.99 -4.42
CA PHE B 52 -17.61 -32.08 -5.39
C PHE B 52 -17.37 -33.42 -4.68
N LEU B 53 -18.39 -34.27 -4.50
CA LEU B 53 -18.18 -35.54 -3.81
C LEU B 53 -17.53 -36.43 -4.85
N GLY B 54 -16.26 -36.82 -4.63
CA GLY B 54 -15.56 -37.66 -5.60
C GLY B 54 -16.29 -38.91 -6.04
N LYS B 55 -17.26 -39.47 -5.31
CA LYS B 55 -17.90 -40.69 -5.79
C LYS B 55 -18.64 -40.44 -7.11
N ASP B 56 -19.05 -39.20 -7.39
CA ASP B 56 -19.80 -38.94 -8.62
C ASP B 56 -19.55 -37.49 -9.06
N THR B 57 -18.54 -37.32 -9.91
CA THR B 57 -18.15 -36.01 -10.36
C THR B 57 -18.99 -35.48 -11.51
N THR B 58 -20.16 -36.14 -11.69
CA THR B 58 -21.13 -35.56 -12.62
C THR B 58 -22.16 -34.77 -11.81
N LYS B 59 -21.95 -34.68 -10.49
CA LYS B 59 -22.88 -33.91 -9.66
C LYS B 59 -22.07 -32.93 -8.79
N VAL B 60 -22.70 -31.90 -8.29
CA VAL B 60 -22.04 -30.90 -7.44
C VAL B 60 -23.01 -30.66 -6.28
N GLN B 61 -22.53 -30.38 -5.08
CA GLN B 61 -23.41 -30.18 -3.96
C GLN B 61 -23.24 -28.76 -3.43
N PHE B 62 -24.37 -28.10 -3.18
CA PHE B 62 -24.41 -26.77 -2.62
C PHE B 62 -24.94 -26.86 -1.20
N ASN B 63 -24.44 -26.04 -0.30
CA ASN B 63 -24.91 -26.03 1.08
C ASN B 63 -24.53 -24.70 1.73
N TYR B 64 -24.85 -24.49 2.97
CA TYR B 64 -24.47 -23.32 3.75
C TYR B 64 -24.83 -23.59 5.21
N TYR B 65 -24.08 -22.94 6.11
CA TYR B 65 -24.19 -23.07 7.54
C TYR B 65 -24.35 -21.62 8.04
N THR B 66 -25.33 -21.46 8.94
CA THR B 66 -25.53 -20.12 9.49
C THR B 66 -25.63 -20.30 11.01
N ASN B 67 -24.74 -19.67 11.75
CA ASN B 67 -24.68 -19.86 13.19
C ASN B 67 -24.62 -21.36 13.48
N GLY B 68 -23.75 -22.08 12.78
CA GLY B 68 -23.58 -23.51 13.06
C GLY B 68 -24.77 -24.33 12.62
N VAL B 69 -25.78 -23.80 11.93
CA VAL B 69 -26.87 -24.70 11.49
C VAL B 69 -26.78 -24.91 9.98
N GLY B 70 -26.65 -26.14 9.57
CA GLY B 70 -26.54 -26.51 8.16
C GLY B 70 -27.88 -27.11 7.71
N GLY B 71 -27.81 -28.25 7.01
CA GLY B 71 -29.09 -28.89 6.61
C GLY B 71 -29.66 -28.32 5.33
N HIS B 72 -28.87 -27.65 4.49
CA HIS B 72 -29.45 -27.07 3.27
C HIS B 72 -28.88 -27.67 2.00
N GLU B 73 -28.41 -28.92 2.08
CA GLU B 73 -27.78 -29.60 0.97
C GLU B 73 -28.71 -29.63 -0.26
N LYS B 74 -28.10 -29.40 -1.43
CA LYS B 74 -28.83 -29.44 -2.69
C LYS B 74 -27.84 -30.02 -3.72
N VAL B 75 -28.16 -31.13 -4.31
CA VAL B 75 -27.32 -31.81 -5.27
C VAL B 75 -27.87 -31.63 -6.67
N ILE B 76 -27.05 -31.15 -7.60
CA ILE B 76 -27.59 -31.02 -8.95
C ILE B 76 -26.73 -31.76 -9.97
N SER B 77 -27.33 -32.25 -11.04
CA SER B 77 -26.63 -32.95 -12.11
C SER B 77 -25.90 -31.94 -12.98
N LEU B 78 -24.60 -32.17 -13.23
CA LEU B 78 -23.89 -31.18 -14.05
C LEU B 78 -24.14 -31.35 -15.55
N GLY B 79 -24.39 -32.55 -16.04
CA GLY B 79 -24.53 -32.67 -17.51
C GLY B 79 -23.14 -32.93 -18.11
N PHE B 80 -22.14 -33.12 -17.24
CA PHE B 80 -20.78 -33.39 -17.65
C PHE B 80 -20.02 -33.92 -16.43
N ASP B 81 -18.82 -34.44 -16.70
CA ASP B 81 -17.97 -34.90 -15.60
C ASP B 81 -17.04 -33.75 -15.18
N ALA B 82 -17.21 -33.29 -13.95
CA ALA B 82 -16.43 -32.15 -13.48
C ALA B 82 -14.94 -32.45 -13.43
N SER B 83 -14.61 -33.76 -13.29
CA SER B 83 -13.19 -34.07 -13.16
C SER B 83 -12.48 -34.09 -14.50
N LYS B 84 -13.12 -33.87 -15.65
CA LYS B 84 -12.34 -33.96 -16.89
C LYS B 84 -11.83 -32.65 -17.44
N GLY B 85 -12.32 -31.52 -16.90
CA GLY B 85 -11.86 -30.23 -17.45
C GLY B 85 -12.18 -29.14 -16.42
N PHE B 86 -11.69 -27.94 -16.67
CA PHE B 86 -11.97 -26.81 -15.82
C PHE B 86 -13.35 -26.22 -16.18
N HIS B 87 -14.14 -25.87 -15.15
CA HIS B 87 -15.42 -25.18 -15.32
C HIS B 87 -15.46 -24.04 -14.29
N THR B 88 -16.40 -23.11 -14.40
CA THR B 88 -16.49 -21.99 -13.49
C THR B 88 -17.72 -22.23 -12.62
N TYR B 89 -17.52 -22.18 -11.31
CA TYR B 89 -18.59 -22.38 -10.37
C TYR B 89 -18.61 -21.12 -9.51
N ALA B 90 -19.79 -20.74 -9.13
CA ALA B 90 -19.93 -19.49 -8.37
C ALA B 90 -21.09 -19.44 -7.39
N PHE B 91 -21.00 -18.50 -6.45
CA PHE B 91 -22.20 -18.27 -5.68
C PHE B 91 -22.24 -16.74 -5.49
N ASP B 92 -23.45 -16.21 -5.59
CA ASP B 92 -23.55 -14.75 -5.38
C ASP B 92 -24.11 -14.63 -3.97
N TRP B 93 -23.37 -14.08 -3.02
CA TRP B 93 -23.90 -14.13 -1.64
C TRP B 93 -24.46 -12.75 -1.28
N GLN B 94 -25.73 -12.64 -1.02
CA GLN B 94 -26.31 -11.33 -0.68
C GLN B 94 -27.09 -11.43 0.63
N PRO B 95 -27.38 -10.26 1.21
CA PRO B 95 -28.05 -10.26 2.49
C PRO B 95 -29.29 -11.13 2.46
N GLY B 96 -30.07 -11.16 1.39
CA GLY B 96 -31.32 -11.92 1.43
C GLY B 96 -31.37 -13.20 0.66
N TYR B 97 -30.23 -13.66 0.10
CA TYR B 97 -30.25 -14.88 -0.67
C TYR B 97 -28.84 -15.30 -1.13
N ILE B 98 -28.80 -16.55 -1.61
CA ILE B 98 -27.61 -17.06 -2.27
C ILE B 98 -28.09 -17.72 -3.57
N LYS B 99 -27.38 -17.44 -4.65
CA LYS B 99 -27.59 -17.96 -5.98
C LYS B 99 -26.31 -18.67 -6.42
N TRP B 100 -26.42 -19.93 -6.85
CA TRP B 100 -25.23 -20.67 -7.29
C TRP B 100 -25.32 -20.86 -8.81
N TYR B 101 -24.17 -20.82 -9.46
CA TYR B 101 -24.10 -20.96 -10.91
C TYR B 101 -23.04 -21.96 -11.34
N VAL B 102 -23.31 -22.59 -12.48
CA VAL B 102 -22.37 -23.50 -13.12
C VAL B 102 -22.20 -23.02 -14.57
N ASP B 103 -20.96 -22.64 -14.90
CA ASP B 103 -20.61 -22.07 -16.18
C ASP B 103 -21.56 -20.91 -16.52
N GLY B 104 -21.84 -20.06 -15.52
CA GLY B 104 -22.72 -18.92 -15.67
C GLY B 104 -24.20 -19.24 -15.76
N VAL B 105 -24.66 -20.47 -15.61
CA VAL B 105 -26.07 -20.79 -15.60
C VAL B 105 -26.59 -20.93 -14.15
N LEU B 106 -27.66 -20.21 -13.81
CA LEU B 106 -28.26 -20.26 -12.49
C LEU B 106 -28.74 -21.66 -12.18
N LYS B 107 -28.30 -22.27 -11.06
CA LYS B 107 -28.69 -23.64 -10.78
C LYS B 107 -29.48 -23.80 -9.48
N HIS B 108 -29.39 -22.82 -8.59
CA HIS B 108 -30.10 -23.02 -7.31
C HIS B 108 -30.19 -21.69 -6.61
N THR B 109 -31.26 -21.54 -5.84
CA THR B 109 -31.42 -20.28 -5.08
C THR B 109 -31.88 -20.61 -3.67
N ALA B 110 -31.33 -19.93 -2.66
CA ALA B 110 -31.78 -20.07 -1.30
C ALA B 110 -32.09 -18.69 -0.70
N THR B 111 -33.03 -18.58 0.23
CA THR B 111 -33.34 -17.34 0.89
C THR B 111 -33.44 -17.47 2.41
N ALA B 112 -33.66 -18.67 2.96
CA ALA B 112 -33.79 -18.79 4.41
C ALA B 112 -32.54 -18.68 5.26
N ASN B 113 -32.53 -17.79 6.26
CA ASN B 113 -31.41 -17.80 7.21
C ASN B 113 -30.05 -17.74 6.49
N ILE B 114 -29.83 -16.72 5.70
CA ILE B 114 -28.63 -16.52 4.91
C ILE B 114 -27.48 -16.03 5.81
N PRO B 115 -26.32 -16.63 5.66
CA PRO B 115 -25.19 -16.25 6.50
C PRO B 115 -24.95 -14.75 6.39
N SER B 116 -24.45 -14.11 7.44
CA SER B 116 -24.14 -12.71 7.32
C SER B 116 -22.75 -12.36 7.77
N THR B 117 -22.00 -13.26 8.38
CA THR B 117 -20.66 -12.88 8.90
C THR B 117 -19.58 -13.09 7.85
N PRO B 118 -18.85 -12.04 7.47
CA PRO B 118 -17.77 -12.15 6.48
C PRO B 118 -16.82 -13.30 6.82
N GLY B 119 -16.40 -14.11 5.82
CA GLY B 119 -15.48 -15.20 6.17
C GLY B 119 -14.30 -15.24 5.18
N LYS B 120 -13.43 -16.23 5.40
CA LYS B 120 -12.29 -16.42 4.53
C LYS B 120 -12.68 -17.20 3.28
N ILE B 121 -11.94 -17.00 2.21
CA ILE B 121 -12.19 -17.83 1.05
C ILE B 121 -11.33 -19.10 1.21
N MET B 122 -11.88 -20.27 1.04
CA MET B 122 -11.09 -21.49 1.23
C MET B 122 -11.25 -22.54 0.15
N MET B 123 -10.20 -23.35 -0.03
CA MET B 123 -10.29 -24.48 -0.94
C MET B 123 -9.66 -25.70 -0.25
N ASN B 124 -10.20 -26.91 -0.37
CA ASN B 124 -9.58 -28.07 0.31
C ASN B 124 -9.95 -29.34 -0.39
N LEU B 125 -9.17 -30.42 -0.14
CA LEU B 125 -9.38 -31.76 -0.61
C LEU B 125 -9.10 -32.69 0.59
N TRP B 126 -10.00 -33.63 0.85
CA TRP B 126 -9.85 -34.44 2.05
C TRP B 126 -10.62 -35.77 1.87
N ASN B 127 -10.24 -36.73 2.71
CA ASN B 127 -10.94 -38.03 2.57
C ASN B 127 -11.67 -38.26 3.89
N GLY B 128 -12.87 -38.79 3.82
CA GLY B 128 -13.61 -38.91 5.08
C GLY B 128 -13.65 -40.33 5.66
N THR B 129 -14.12 -40.39 6.93
CA THR B 129 -14.51 -41.67 7.50
C THR B 129 -15.86 -41.49 8.25
N GLY B 130 -16.60 -42.62 8.40
CA GLY B 130 -17.84 -42.58 9.11
C GLY B 130 -18.99 -41.92 8.37
N VAL B 131 -18.82 -41.59 7.09
CA VAL B 131 -19.89 -41.02 6.29
C VAL B 131 -20.02 -41.69 4.93
N ASP B 132 -19.96 -43.01 4.91
CA ASP B 132 -19.98 -43.79 3.68
C ASP B 132 -21.25 -43.63 2.87
N ASP B 133 -22.38 -43.38 3.54
CA ASP B 133 -23.65 -43.24 2.82
C ASP B 133 -23.65 -41.89 2.09
N TRP B 134 -22.88 -40.94 2.60
CA TRP B 134 -22.77 -39.63 1.95
C TRP B 134 -21.63 -39.64 0.93
N LEU B 135 -20.43 -40.11 1.25
CA LEU B 135 -19.28 -39.97 0.34
C LEU B 135 -18.80 -41.19 -0.39
N GLY B 136 -19.32 -42.32 0.10
CA GLY B 136 -18.86 -43.64 -0.34
C GLY B 136 -17.68 -43.89 0.63
N SER B 137 -17.17 -45.10 0.64
CA SER B 137 -16.01 -45.49 1.41
C SER B 137 -14.71 -45.06 0.72
N TYR B 138 -13.74 -44.49 1.42
CA TYR B 138 -12.47 -44.10 0.80
C TYR B 138 -11.57 -45.34 0.71
N ASN B 139 -11.25 -45.80 -0.48
CA ASN B 139 -10.43 -46.98 -0.72
C ASN B 139 -8.92 -46.73 -0.67
N GLY B 140 -8.47 -45.53 -0.24
CA GLY B 140 -7.03 -45.28 -0.12
C GLY B 140 -6.31 -44.96 -1.43
N ALA B 141 -7.07 -44.77 -2.53
CA ALA B 141 -6.40 -44.51 -3.82
C ALA B 141 -5.55 -43.24 -3.68
N ASN B 142 -4.35 -43.25 -4.25
CA ASN B 142 -3.44 -42.10 -4.06
C ASN B 142 -2.28 -42.19 -5.04
N PRO B 143 -1.67 -41.06 -5.34
CA PRO B 143 -2.08 -39.76 -4.86
C PRO B 143 -3.21 -39.21 -5.73
N LEU B 144 -3.92 -38.25 -5.16
CA LEU B 144 -5.05 -37.61 -5.86
C LEU B 144 -4.88 -36.09 -5.68
N TYR B 145 -5.44 -35.31 -6.58
CA TYR B 145 -5.28 -33.86 -6.42
C TYR B 145 -6.46 -33.18 -7.13
N ALA B 146 -6.82 -32.05 -6.55
CA ALA B 146 -7.89 -31.21 -7.11
C ALA B 146 -7.13 -29.98 -7.64
N GLU B 147 -7.54 -29.46 -8.77
CA GLU B 147 -6.85 -28.31 -9.35
C GLU B 147 -7.79 -27.10 -9.40
N TYR B 148 -7.23 -25.92 -9.29
CA TYR B 148 -7.93 -24.63 -9.29
C TYR B 148 -7.19 -23.62 -10.15
N ASP B 149 -7.84 -23.15 -11.22
CA ASP B 149 -7.03 -22.21 -12.08
C ASP B 149 -7.10 -20.78 -11.58
N TRP B 150 -8.29 -20.37 -11.03
CA TRP B 150 -8.30 -19.00 -10.49
C TRP B 150 -9.48 -18.83 -9.56
N VAL B 151 -9.41 -17.82 -8.73
CA VAL B 151 -10.48 -17.47 -7.83
C VAL B 151 -10.73 -15.96 -8.05
N LYS B 152 -12.01 -15.59 -7.91
CA LYS B 152 -12.31 -14.15 -8.04
C LYS B 152 -13.44 -13.77 -7.09
N TYR B 153 -13.30 -12.65 -6.40
CA TYR B 153 -14.44 -12.24 -5.56
C TYR B 153 -14.80 -10.81 -6.03
N THR B 154 -16.10 -10.54 -6.24
CA THR B 154 -16.35 -9.12 -6.64
C THR B 154 -17.36 -8.54 -5.68
N SER B 155 -16.95 -7.45 -5.02
CA SER B 155 -17.87 -6.88 -4.01
C SER B 155 -19.01 -6.13 -4.72
N ASN B 156 -19.95 -5.68 -3.88
CA ASN B 156 -21.14 -5.04 -4.50
C ASN B 156 -20.80 -3.64 -4.96
N ALA B 157 -21.45 -3.24 -6.06
CA ALA B 157 -21.23 -1.89 -6.58
C ALA B 157 -21.75 -0.74 -5.74
N SER B 158 -22.85 -0.86 -4.99
CA SER B 158 -23.23 0.43 -4.30
C SER B 158 -23.49 1.57 -5.31
N THR B 159 -24.15 1.16 -6.41
CA THR B 159 -24.67 2.16 -7.37
C THR B 159 -25.92 2.66 -6.65
N ASP B 160 -26.31 3.91 -6.62
CA ASP B 160 -27.48 4.36 -5.88
C ASP B 160 -28.45 5.10 -6.79
N TYR B 161 -28.20 5.00 -8.12
CA TYR B 161 -29.03 5.70 -9.07
C TYR B 161 -29.51 4.87 -10.23
N TRP B 162 -30.80 4.87 -10.53
CA TRP B 162 -31.40 4.17 -11.65
C TRP B 162 -31.81 5.18 -12.73
N GLN B 163 -31.27 5.06 -13.93
CA GLN B 163 -31.66 6.00 -15.03
C GLN B 163 -32.62 5.31 -15.98
N ASN B 164 -33.81 5.86 -16.25
CA ASN B 164 -34.73 5.28 -17.23
C ASN B 164 -35.51 6.40 -17.91
N TRP B 165 -34.90 7.03 -18.92
CA TRP B 165 -35.50 8.20 -19.54
C TRP B 165 -35.78 7.88 -21.00
N THR B 166 -37.02 8.13 -21.43
CA THR B 166 -37.40 7.98 -22.82
C THR B 166 -38.10 9.27 -23.30
N ASP B 167 -37.91 9.67 -24.57
CA ASP B 167 -38.65 10.85 -25.08
C ASP B 167 -40.09 10.43 -25.40
N GLY B 168 -40.41 9.13 -25.35
CA GLY B 168 -41.75 8.64 -25.61
C GLY B 168 -41.90 8.02 -26.99
N GLY B 169 -40.82 8.05 -27.80
CA GLY B 169 -41.00 7.42 -29.13
C GLY B 169 -40.77 5.92 -28.94
N GLY B 170 -41.55 5.10 -29.63
CA GLY B 170 -41.45 3.67 -29.64
C GLY B 170 -41.50 3.09 -28.22
N ILE B 171 -41.02 1.84 -28.11
CA ILE B 171 -41.05 1.14 -26.84
C ILE B 171 -39.66 0.89 -26.20
N VAL B 172 -39.52 1.27 -24.95
CA VAL B 172 -38.31 1.09 -24.19
C VAL B 172 -38.63 0.28 -22.92
N ASN B 173 -38.30 -1.01 -22.98
CA ASN B 173 -38.59 -1.92 -21.85
C ASN B 173 -37.33 -2.05 -21.01
N ALA B 174 -37.13 -1.16 -20.05
CA ALA B 174 -36.03 -1.13 -19.14
C ALA B 174 -36.30 -1.97 -17.86
N VAL B 175 -35.28 -2.71 -17.46
CA VAL B 175 -35.34 -3.56 -16.29
C VAL B 175 -34.32 -3.16 -15.23
N ASN B 176 -34.82 -2.74 -14.08
CA ASN B 176 -33.96 -2.42 -12.93
C ASN B 176 -33.71 -3.76 -12.21
N GLY B 177 -32.52 -4.33 -12.48
CA GLY B 177 -32.22 -5.65 -12.00
C GLY B 177 -31.57 -5.62 -10.60
N SER B 178 -31.08 -6.81 -10.17
CA SER B 178 -30.43 -6.85 -8.84
C SER B 178 -29.09 -6.14 -8.83
N GLY B 179 -28.77 -5.50 -7.70
CA GLY B 179 -27.47 -4.84 -7.60
C GLY B 179 -27.21 -3.88 -8.76
N GLY B 180 -26.05 -3.98 -9.41
CA GLY B 180 -25.68 -3.02 -10.44
C GLY B 180 -26.13 -3.49 -11.84
N ASN B 181 -26.96 -4.51 -11.87
CA ASN B 181 -27.41 -5.03 -13.17
C ASN B 181 -28.68 -4.39 -13.72
N TYR B 182 -28.72 -4.23 -15.04
CA TYR B 182 -29.94 -3.80 -15.70
C TYR B 182 -30.03 -4.40 -17.10
N SER B 183 -31.20 -4.26 -17.74
CA SER B 183 -31.34 -4.71 -19.10
C SER B 183 -32.35 -3.76 -19.79
N VAL B 184 -32.26 -3.76 -21.12
CA VAL B 184 -33.18 -2.94 -21.91
C VAL B 184 -33.51 -3.70 -23.21
N ASN B 185 -34.76 -3.74 -23.62
CA ASN B 185 -35.16 -4.35 -24.87
C ASN B 185 -35.97 -3.20 -25.50
N TRP B 186 -35.61 -2.78 -26.70
CA TRP B 186 -36.30 -1.61 -27.25
C TRP B 186 -36.67 -1.86 -28.68
N SER B 187 -37.71 -1.14 -29.08
CA SER B 187 -38.21 -1.25 -30.45
C SER B 187 -38.64 0.07 -31.06
N ASN B 188 -38.03 0.35 -32.21
CA ASN B 188 -38.27 1.50 -33.09
C ASN B 188 -38.49 2.77 -32.31
N THR B 189 -37.50 3.19 -31.52
CA THR B 189 -37.67 4.34 -30.63
C THR B 189 -37.32 5.71 -31.19
N GLY B 190 -37.55 6.74 -30.40
CA GLY B 190 -36.97 8.08 -30.56
C GLY B 190 -35.65 7.96 -29.73
N ASN B 191 -35.35 8.93 -28.89
CA ASN B 191 -34.18 8.91 -28.03
C ASN B 191 -34.50 8.44 -26.61
N PHE B 192 -33.58 7.65 -26.04
CA PHE B 192 -33.73 7.13 -24.67
C PHE B 192 -32.33 6.88 -24.06
N VAL B 193 -32.25 6.91 -22.76
CA VAL B 193 -31.01 6.66 -22.04
C VAL B 193 -31.39 5.86 -20.78
N VAL B 194 -30.85 4.65 -20.71
CA VAL B 194 -31.09 3.77 -19.56
C VAL B 194 -29.76 3.34 -18.92
N GLY B 195 -29.73 3.29 -17.57
CA GLY B 195 -28.47 2.75 -17.00
C GLY B 195 -28.45 2.80 -15.48
N LYS B 196 -27.36 2.34 -14.88
CA LYS B 196 -27.21 2.36 -13.46
C LYS B 196 -25.89 3.02 -13.14
N GLY B 197 -25.87 3.64 -11.96
CA GLY B 197 -24.63 4.36 -11.62
C GLY B 197 -24.85 5.08 -10.28
N TRP B 198 -24.35 6.30 -10.26
CA TRP B 198 -24.33 7.08 -9.02
C TRP B 198 -25.00 8.45 -9.12
N THR B 199 -25.70 8.87 -8.08
CA THR B 199 -26.40 10.12 -8.01
C THR B 199 -25.42 11.30 -8.16
N THR B 200 -24.30 11.16 -7.49
CA THR B 200 -23.22 12.14 -7.62
C THR B 200 -21.98 11.50 -8.26
N GLY B 201 -21.61 11.97 -9.45
CA GLY B 201 -20.49 11.44 -10.21
C GLY B 201 -19.17 11.87 -9.57
N SER B 202 -18.07 11.29 -9.99
CA SER B 202 -16.77 11.69 -9.44
C SER B 202 -15.76 11.58 -10.59
N PRO B 203 -14.84 12.52 -10.67
CA PRO B 203 -13.77 12.48 -11.65
C PRO B 203 -12.76 11.39 -11.33
N PHE B 204 -12.93 10.73 -10.18
CA PHE B 204 -11.99 9.71 -9.72
C PHE B 204 -12.55 8.30 -9.80
N ARG B 205 -13.81 8.17 -10.25
CA ARG B 205 -14.40 6.83 -10.25
C ARG B 205 -13.77 5.95 -11.32
N THR B 206 -13.67 4.68 -10.98
CA THR B 206 -13.24 3.61 -11.85
C THR B 206 -14.45 2.67 -11.97
N ILE B 207 -14.98 2.50 -13.19
CA ILE B 207 -16.16 1.71 -13.42
C ILE B 207 -15.80 0.30 -13.90
N ASN B 208 -16.24 -0.73 -13.20
CA ASN B 208 -16.04 -2.08 -13.68
C ASN B 208 -17.39 -2.55 -14.19
N TYR B 209 -17.48 -2.99 -15.43
CA TYR B 209 -18.78 -3.47 -15.86
C TYR B 209 -18.59 -4.68 -16.78
N ASN B 210 -19.75 -5.20 -17.11
CA ASN B 210 -19.73 -6.24 -18.14
C ASN B 210 -21.04 -6.17 -18.93
N ALA B 211 -20.97 -6.05 -20.26
CA ALA B 211 -22.19 -6.07 -21.04
C ALA B 211 -22.47 -7.52 -21.43
N GLY B 212 -23.28 -8.24 -20.69
CA GLY B 212 -23.61 -9.64 -20.97
C GLY B 212 -24.25 -9.79 -22.36
N VAL B 213 -25.02 -8.77 -22.75
CA VAL B 213 -25.70 -8.68 -24.02
C VAL B 213 -25.49 -7.26 -24.58
N TRP B 214 -24.96 -7.17 -25.78
CA TRP B 214 -24.78 -5.89 -26.47
C TRP B 214 -25.26 -6.15 -27.89
N ALA B 215 -26.57 -5.88 -28.06
CA ALA B 215 -27.11 -6.19 -29.43
C ALA B 215 -28.00 -5.09 -29.98
N PRO B 216 -27.46 -3.89 -30.18
CA PRO B 216 -28.21 -2.79 -30.80
C PRO B 216 -28.54 -3.16 -32.25
N ASN B 217 -29.69 -2.73 -32.74
CA ASN B 217 -30.07 -3.03 -34.13
C ASN B 217 -30.30 -1.66 -34.77
N GLY B 218 -29.19 -0.94 -34.95
CA GLY B 218 -29.34 0.48 -35.35
C GLY B 218 -28.49 1.32 -34.39
N ASN B 219 -28.82 2.60 -34.26
CA ASN B 219 -28.08 3.51 -33.43
C ASN B 219 -28.30 3.27 -31.93
N GLY B 220 -27.25 2.87 -31.26
CA GLY B 220 -27.25 2.63 -29.83
C GLY B 220 -25.83 2.81 -29.26
N TYR B 221 -25.68 3.33 -28.06
CA TYR B 221 -24.41 3.52 -27.44
C TYR B 221 -24.29 2.76 -26.10
N LEU B 222 -23.14 2.13 -25.93
CA LEU B 222 -22.75 1.46 -24.67
C LEU B 222 -21.66 2.38 -24.10
N THR B 223 -22.10 3.14 -23.09
CA THR B 223 -21.23 4.27 -22.69
C THR B 223 -21.38 4.70 -21.27
N LEU B 224 -20.25 5.17 -20.72
CA LEU B 224 -20.22 5.83 -19.46
C LEU B 224 -20.93 7.17 -19.81
N TYR B 225 -21.81 7.61 -18.96
CA TYR B 225 -22.60 8.80 -19.27
C TYR B 225 -22.81 9.64 -18.02
N GLY B 226 -22.71 10.96 -18.10
CA GLY B 226 -22.93 11.75 -16.88
C GLY B 226 -22.99 13.24 -17.16
N TRP B 227 -23.26 13.97 -16.06
CA TRP B 227 -23.32 15.44 -16.25
C TRP B 227 -22.59 16.16 -15.14
N THR B 228 -22.27 17.42 -15.42
CA THR B 228 -21.82 18.33 -14.37
C THR B 228 -22.70 19.60 -14.55
N ARG B 229 -22.74 20.45 -13.53
CA ARG B 229 -23.34 21.78 -13.63
C ARG B 229 -22.22 22.78 -13.28
N SER B 230 -22.41 24.06 -13.53
CA SER B 230 -21.39 25.07 -13.34
C SER B 230 -20.06 24.84 -14.05
N PRO B 231 -20.08 24.72 -15.37
CA PRO B 231 -21.24 24.76 -16.20
C PRO B 231 -21.83 23.39 -16.52
N LEU B 232 -23.01 23.48 -17.12
CA LEU B 232 -23.80 22.36 -17.58
C LEU B 232 -23.10 21.60 -18.73
N ILE B 233 -22.64 20.40 -18.44
CA ILE B 233 -21.95 19.58 -19.42
C ILE B 233 -22.44 18.13 -19.41
N GLU B 234 -22.69 17.57 -20.57
CA GLU B 234 -23.07 16.18 -20.74
C GLU B 234 -21.81 15.45 -21.27
N TYR B 235 -21.38 14.36 -20.62
CA TYR B 235 -20.13 13.72 -21.09
C TYR B 235 -20.38 12.24 -21.32
N TYR B 236 -19.54 11.70 -22.20
CA TYR B 236 -19.59 10.30 -22.59
C TYR B 236 -18.19 9.64 -22.60
N VAL B 237 -18.19 8.36 -22.29
CA VAL B 237 -17.04 7.49 -22.59
C VAL B 237 -17.63 6.30 -23.35
N VAL B 238 -17.64 6.39 -24.69
CA VAL B 238 -18.38 5.36 -25.47
C VAL B 238 -17.51 4.15 -25.79
N ASP B 239 -17.81 2.97 -25.31
CA ASP B 239 -17.00 1.77 -25.52
C ASP B 239 -17.45 0.98 -26.76
N SER B 240 -18.75 0.99 -27.07
CA SER B 240 -19.26 0.26 -28.22
C SER B 240 -20.52 0.98 -28.73
N TRP B 241 -20.94 0.63 -29.97
CA TRP B 241 -22.10 1.33 -30.51
C TRP B 241 -22.79 0.43 -31.51
N GLY B 242 -23.76 0.94 -32.27
CA GLY B 242 -24.40 -0.01 -33.24
C GLY B 242 -24.00 0.47 -34.64
N THR B 243 -24.93 1.11 -35.34
CA THR B 243 -24.64 1.56 -36.70
C THR B 243 -24.04 2.95 -36.82
N TYR B 244 -23.91 3.73 -35.76
CA TYR B 244 -23.45 5.10 -35.91
C TYR B 244 -22.37 5.38 -34.88
N ARG B 245 -21.19 5.85 -35.28
CA ARG B 245 -20.13 6.16 -34.29
C ARG B 245 -20.18 7.65 -34.02
N PRO B 246 -20.46 8.09 -32.81
CA PRO B 246 -20.60 9.48 -32.48
C PRO B 246 -19.28 10.26 -32.62
N THR B 247 -19.30 11.40 -33.27
CA THR B 247 -18.09 12.20 -33.45
C THR B 247 -18.45 13.67 -33.24
N GLY B 248 -17.52 14.60 -33.25
CA GLY B 248 -17.82 16.02 -33.15
C GLY B 248 -16.58 16.77 -33.66
N THR B 249 -16.18 17.78 -32.88
CA THR B 249 -14.99 18.53 -33.29
C THR B 249 -13.81 17.85 -32.61
N TYR B 250 -12.92 17.32 -33.45
CA TYR B 250 -11.79 16.53 -33.03
C TYR B 250 -10.76 17.35 -32.28
N LYS B 251 -10.34 16.80 -31.15
CA LYS B 251 -9.35 17.37 -30.30
C LYS B 251 -8.06 16.56 -30.24
N GLY B 252 -8.16 15.23 -30.16
CA GLY B 252 -6.98 14.41 -29.88
C GLY B 252 -7.42 13.05 -29.35
N THR B 253 -6.49 12.28 -28.84
CA THR B 253 -6.79 10.90 -28.46
C THR B 253 -6.34 10.64 -27.03
N VAL B 254 -6.86 9.57 -26.43
CA VAL B 254 -6.36 9.20 -25.10
C VAL B 254 -6.31 7.68 -25.09
N LYS B 255 -5.28 7.13 -24.49
CA LYS B 255 -5.16 5.67 -24.38
C LYS B 255 -5.63 5.31 -22.98
N SER B 256 -6.54 4.40 -22.76
CA SER B 256 -6.95 4.05 -21.40
C SER B 256 -7.58 2.67 -21.42
N ASP B 257 -7.30 1.87 -20.39
CA ASP B 257 -7.80 0.54 -20.22
C ASP B 257 -7.65 -0.33 -21.46
N GLY B 258 -6.55 -0.22 -22.22
CA GLY B 258 -6.38 -1.12 -23.34
C GLY B 258 -6.88 -0.60 -24.70
N GLY B 259 -7.66 0.50 -24.70
CA GLY B 259 -8.18 1.03 -25.94
C GLY B 259 -7.75 2.49 -26.09
N THR B 260 -7.80 2.92 -27.33
CA THR B 260 -7.54 4.30 -27.72
C THR B 260 -8.88 4.94 -28.08
N TYR B 261 -9.09 6.14 -27.52
CA TYR B 261 -10.34 6.86 -27.81
C TYR B 261 -10.02 8.20 -28.46
N ASP B 262 -10.88 8.66 -29.37
CA ASP B 262 -10.89 9.93 -29.98
C ASP B 262 -11.67 10.89 -29.07
N ILE B 263 -11.14 12.10 -28.90
CA ILE B 263 -11.69 13.10 -28.02
C ILE B 263 -12.36 14.16 -28.90
N TYR B 264 -13.62 14.43 -28.53
CA TYR B 264 -14.42 15.33 -29.34
C TYR B 264 -15.21 16.25 -28.40
N THR B 265 -15.60 17.35 -29.06
CA THR B 265 -16.43 18.32 -28.32
C THR B 265 -17.60 18.62 -29.23
N THR B 266 -18.80 18.86 -28.68
CA THR B 266 -19.92 19.21 -29.55
C THR B 266 -20.81 20.15 -28.72
N THR B 267 -21.81 20.71 -29.39
CA THR B 267 -22.75 21.59 -28.72
C THR B 267 -24.19 21.18 -29.09
N ARG B 268 -25.07 21.19 -28.08
CA ARG B 268 -26.47 20.89 -28.28
C ARG B 268 -27.34 22.11 -27.98
N TYR B 269 -28.33 22.39 -28.81
CA TYR B 269 -29.22 23.53 -28.56
C TYR B 269 -30.69 23.09 -28.57
N ASN B 270 -31.47 23.85 -27.81
CA ASN B 270 -32.91 23.62 -27.67
C ASN B 270 -33.28 22.16 -27.61
N ALA B 271 -32.52 21.50 -26.70
CA ALA B 271 -32.67 20.08 -26.37
C ALA B 271 -32.84 19.90 -24.86
N PRO B 272 -33.41 18.78 -24.47
CA PRO B 272 -33.59 18.46 -23.07
C PRO B 272 -32.27 18.15 -22.37
N SER B 273 -32.20 18.52 -21.10
CA SER B 273 -31.02 18.30 -20.27
C SER B 273 -31.54 18.18 -18.83
N ILE B 274 -30.66 17.88 -17.88
CA ILE B 274 -31.17 17.76 -16.49
C ILE B 274 -31.68 19.13 -16.03
N ASP B 275 -31.42 20.20 -16.78
CA ASP B 275 -31.90 21.52 -16.34
C ASP B 275 -33.22 21.99 -16.96
N GLY B 276 -33.71 21.45 -18.05
CA GLY B 276 -34.98 21.92 -18.65
C GLY B 276 -35.27 21.09 -19.91
N ASP B 277 -36.43 21.27 -20.55
CA ASP B 277 -36.75 20.45 -21.72
C ASP B 277 -36.17 21.08 -22.96
N ARG B 278 -35.77 22.34 -22.86
CA ARG B 278 -35.18 23.04 -23.97
C ARG B 278 -34.00 23.84 -23.43
N THR B 279 -32.80 23.27 -23.56
CA THR B 279 -31.63 24.04 -23.09
C THR B 279 -30.46 23.93 -24.05
N THR B 280 -29.42 24.72 -23.83
CA THR B 280 -28.21 24.73 -24.61
C THR B 280 -27.03 24.33 -23.72
N PHE B 281 -26.26 23.31 -24.15
CA PHE B 281 -25.13 22.90 -23.31
C PHE B 281 -24.00 22.28 -24.13
N THR B 282 -22.84 22.10 -23.47
CA THR B 282 -21.70 21.50 -24.17
C THR B 282 -21.64 20.00 -23.95
N GLN B 283 -21.12 19.25 -24.92
CA GLN B 283 -20.92 17.83 -24.73
C GLN B 283 -19.43 17.45 -24.83
N TYR B 284 -18.90 16.65 -23.91
CA TYR B 284 -17.54 16.15 -24.03
C TYR B 284 -17.61 14.63 -24.31
N TRP B 285 -16.81 14.24 -25.29
CA TRP B 285 -16.77 12.81 -25.64
C TRP B 285 -15.37 12.19 -25.69
N SER B 286 -15.25 10.94 -25.24
CA SER B 286 -14.18 10.02 -25.57
C SER B 286 -14.89 8.89 -26.33
N VAL B 287 -14.59 8.61 -27.57
CA VAL B 287 -15.22 7.55 -28.33
C VAL B 287 -14.18 6.53 -28.80
N ARG B 288 -14.28 5.26 -28.36
CA ARG B 288 -13.27 4.25 -28.71
C ARG B 288 -13.04 4.20 -30.21
N GLN B 289 -11.79 3.94 -30.63
CA GLN B 289 -11.51 3.94 -32.08
C GLN B 289 -12.14 2.75 -32.78
N SER B 290 -12.33 1.66 -32.07
CA SER B 290 -13.07 0.52 -32.65
C SER B 290 -13.88 -0.07 -31.49
N LYS B 291 -14.88 -0.87 -31.81
CA LYS B 291 -15.75 -1.39 -30.72
C LYS B 291 -15.07 -2.30 -29.72
N ARG B 292 -15.37 -2.09 -28.43
CA ARG B 292 -14.78 -2.92 -27.35
C ARG B 292 -15.50 -4.23 -27.25
N PRO B 293 -14.83 -5.37 -27.10
CA PRO B 293 -15.48 -6.65 -26.99
C PRO B 293 -16.49 -6.58 -25.83
N THR B 294 -17.60 -7.27 -25.92
CA THR B 294 -18.56 -7.33 -24.82
C THR B 294 -18.72 -8.78 -24.37
N GLY B 295 -19.31 -8.96 -23.20
CA GLY B 295 -19.49 -10.32 -22.67
C GLY B 295 -18.39 -10.59 -21.65
N SER B 296 -17.25 -9.93 -21.70
CA SER B 296 -16.21 -10.16 -20.71
C SER B 296 -16.00 -8.84 -19.97
N ASN B 297 -15.28 -8.89 -18.85
CA ASN B 297 -15.14 -7.73 -17.99
C ASN B 297 -14.45 -6.57 -18.67
N ALA B 298 -14.89 -5.37 -18.31
CA ALA B 298 -14.34 -4.17 -18.88
C ALA B 298 -14.17 -3.15 -17.76
N THR B 299 -13.19 -2.27 -17.87
CA THR B 299 -13.00 -1.25 -16.84
C THR B 299 -12.90 0.09 -17.56
N ILE B 300 -13.45 1.14 -16.96
CA ILE B 300 -13.26 2.48 -17.46
C ILE B 300 -12.63 3.31 -16.31
N THR B 301 -11.36 3.64 -16.54
CA THR B 301 -10.64 4.46 -15.54
C THR B 301 -10.94 5.90 -15.90
N PHE B 302 -12.06 6.40 -15.42
CA PHE B 302 -12.55 7.73 -15.77
C PHE B 302 -11.56 8.83 -15.54
N SER B 303 -10.70 8.79 -14.51
CA SER B 303 -9.75 9.93 -14.37
C SER B 303 -8.82 10.02 -15.55
N ASN B 304 -8.55 8.91 -16.26
CA ASN B 304 -7.71 9.04 -17.47
C ASN B 304 -8.39 9.97 -18.47
N HIS B 305 -9.72 9.81 -18.62
CA HIS B 305 -10.44 10.69 -19.56
C HIS B 305 -10.51 12.11 -19.04
N VAL B 306 -10.91 12.30 -17.78
CA VAL B 306 -10.96 13.67 -17.22
C VAL B 306 -9.61 14.40 -17.42
N ASN B 307 -8.52 13.72 -17.09
CA ASN B 307 -7.18 14.32 -17.27
C ASN B 307 -6.85 14.62 -18.70
N ALA B 308 -7.13 13.74 -19.66
CA ALA B 308 -6.86 14.11 -21.06
C ALA B 308 -7.80 15.23 -21.52
N TRP B 309 -9.08 15.16 -21.10
CA TRP B 309 -9.97 16.30 -21.51
C TRP B 309 -9.36 17.63 -21.02
N LYS B 310 -8.94 17.69 -19.76
CA LYS B 310 -8.26 18.88 -19.24
C LYS B 310 -7.09 19.29 -20.13
N SER B 311 -6.25 18.39 -20.61
CA SER B 311 -5.14 18.70 -21.50
C SER B 311 -5.58 19.52 -22.72
N HIS B 312 -6.80 19.19 -23.16
CA HIS B 312 -7.28 19.87 -24.37
C HIS B 312 -8.14 21.07 -24.01
N GLY B 313 -8.08 21.50 -22.76
CA GLY B 313 -8.92 22.67 -22.41
C GLY B 313 -10.38 22.31 -22.23
N MET B 314 -10.72 21.05 -21.97
CA MET B 314 -12.13 20.68 -21.72
C MET B 314 -12.27 20.39 -20.23
N ASN B 315 -12.63 21.43 -19.48
CA ASN B 315 -12.79 21.34 -18.05
C ASN B 315 -14.26 21.09 -17.68
N LEU B 316 -14.48 20.15 -16.76
CA LEU B 316 -15.81 19.75 -16.32
C LEU B 316 -16.37 20.74 -15.31
N GLY B 317 -17.69 20.74 -15.08
CA GLY B 317 -18.27 21.70 -14.13
C GLY B 317 -17.88 21.32 -12.69
N SER B 318 -18.17 22.20 -11.72
CA SER B 318 -17.80 21.88 -10.35
C SER B 318 -18.92 21.26 -9.55
N ASN B 319 -20.17 21.31 -10.04
CA ASN B 319 -21.27 20.66 -9.27
C ASN B 319 -21.64 19.38 -10.00
N TRP B 320 -21.20 18.20 -9.54
CA TRP B 320 -21.39 16.93 -10.22
C TRP B 320 -22.79 16.35 -10.07
N ALA B 321 -23.38 15.96 -11.21
CA ALA B 321 -24.71 15.32 -11.12
C ALA B 321 -24.51 13.83 -11.40
N TYR B 322 -25.51 13.12 -11.91
CA TYR B 322 -25.42 11.65 -12.01
C TYR B 322 -24.33 11.19 -12.99
N GLN B 323 -23.94 9.93 -12.86
CA GLN B 323 -22.88 9.32 -13.69
C GLN B 323 -23.26 7.87 -13.90
N VAL B 324 -23.61 7.37 -15.07
CA VAL B 324 -24.06 5.97 -15.09
C VAL B 324 -23.40 5.16 -16.22
N MET B 325 -23.50 3.86 -16.09
CA MET B 325 -23.07 3.01 -17.22
C MET B 325 -24.31 2.81 -18.10
N ALA B 326 -24.39 3.51 -19.24
CA ALA B 326 -25.66 3.55 -19.95
C ALA B 326 -25.74 2.81 -21.28
N THR B 327 -27.00 2.55 -21.62
CA THR B 327 -27.36 2.13 -22.97
C THR B 327 -28.15 3.35 -23.47
N GLU B 328 -27.73 4.03 -24.51
CA GLU B 328 -28.47 5.14 -25.10
C GLU B 328 -28.89 4.70 -26.50
N GLY B 329 -30.06 5.12 -27.01
CA GLY B 329 -30.48 4.72 -28.34
C GLY B 329 -31.28 5.85 -29.04
N TYR B 330 -31.32 5.78 -30.37
CA TYR B 330 -32.03 6.76 -31.17
C TYR B 330 -32.49 6.11 -32.48
N GLN B 331 -33.78 6.14 -32.78
CA GLN B 331 -34.32 5.57 -34.00
C GLN B 331 -33.82 4.13 -34.22
N SER B 332 -33.92 3.27 -33.18
CA SER B 332 -33.37 1.92 -33.41
C SER B 332 -34.19 0.89 -32.65
N SER B 333 -33.71 -0.35 -32.70
CA SER B 333 -34.34 -1.39 -31.84
C SER B 333 -33.13 -2.08 -31.20
N GLY B 334 -33.32 -3.09 -30.35
CA GLY B 334 -32.16 -3.81 -29.85
C GLY B 334 -32.34 -4.38 -28.44
N SER B 335 -31.31 -5.00 -27.91
CA SER B 335 -31.29 -5.52 -26.55
C SER B 335 -29.94 -5.23 -25.89
N SER B 336 -29.89 -4.97 -24.59
CA SER B 336 -28.60 -4.87 -23.93
C SER B 336 -28.83 -5.44 -22.52
N ASN B 337 -27.75 -5.85 -21.87
CA ASN B 337 -27.80 -6.43 -20.51
C ASN B 337 -26.41 -6.07 -19.95
N VAL B 338 -26.40 -5.21 -18.96
CA VAL B 338 -25.19 -4.66 -18.42
C VAL B 338 -25.21 -4.71 -16.89
N THR B 339 -24.02 -4.98 -16.36
CA THR B 339 -23.86 -5.07 -14.92
C THR B 339 -22.73 -4.16 -14.48
N VAL B 340 -22.99 -3.29 -13.53
CA VAL B 340 -21.89 -2.49 -12.98
C VAL B 340 -21.43 -3.28 -11.74
N TRP B 341 -20.15 -3.47 -11.52
CA TRP B 341 -19.63 -4.22 -10.38
C TRP B 341 -18.94 -3.32 -9.35
N GLY B 342 -18.69 -3.94 -8.18
CA GLY B 342 -17.85 -3.21 -7.21
C GLY B 342 -16.39 -3.60 -7.42
N SER B 343 -15.60 -3.52 -6.35
CA SER B 343 -14.18 -3.81 -6.37
C SER B 343 -13.93 -5.32 -6.51
N VAL B 344 -12.85 -5.67 -7.19
CA VAL B 344 -12.51 -7.07 -7.38
C VAL B 344 -11.25 -7.57 -6.69
N PHE B 345 -11.35 -8.77 -6.08
CA PHE B 345 -10.20 -9.51 -5.58
C PHE B 345 -9.95 -10.61 -6.64
N TRP B 346 -8.84 -10.50 -7.36
CA TRP B 346 -8.49 -11.41 -8.44
C TRP B 346 -7.30 -12.29 -8.06
N GLU B 347 -7.45 -13.62 -8.11
CA GLU B 347 -6.30 -14.46 -7.76
C GLU B 347 -6.11 -15.49 -8.86
N PRO B 348 -5.11 -15.31 -9.74
CA PRO B 348 -4.85 -16.19 -10.85
C PRO B 348 -4.13 -17.46 -10.45
N LYS B 349 -3.70 -17.52 -9.21
CA LYS B 349 -3.01 -18.67 -8.67
C LYS B 349 -1.78 -19.12 -9.46
N SER B 350 -0.91 -18.17 -9.74
CA SER B 350 0.34 -18.40 -10.43
C SER B 350 1.37 -18.82 -9.40
N TYR B 351 1.24 -18.48 -8.14
CA TYR B 351 2.22 -18.90 -7.13
C TYR B 351 1.69 -18.58 -5.75
N PHE B 352 2.34 -19.07 -4.72
CA PHE B 352 2.02 -18.82 -3.34
C PHE B 352 2.23 -17.35 -3.01
N ASN B 353 1.16 -16.69 -2.54
CA ASN B 353 1.26 -15.31 -2.11
C ASN B 353 0.93 -15.26 -0.63
N PRO B 354 1.93 -15.34 0.25
CA PRO B 354 1.75 -15.39 1.69
C PRO B 354 1.09 -14.15 2.29
N SER B 355 0.93 -13.10 1.52
CA SER B 355 0.24 -11.91 1.98
C SER B 355 -1.29 -12.08 1.92
N THR B 356 -1.80 -12.86 0.95
CA THR B 356 -3.26 -12.99 0.81
C THR B 356 -3.75 -14.40 1.07
N TRP B 357 -2.84 -15.37 1.24
CA TRP B 357 -3.24 -16.72 1.47
C TRP B 357 -2.35 -17.47 2.46
N GLU B 358 -2.87 -18.53 3.06
CA GLU B 358 -1.99 -19.34 3.92
C GLU B 358 -2.30 -20.80 3.64
N LYS B 359 -1.36 -21.68 3.93
CA LYS B 359 -1.58 -23.11 3.78
C LYS B 359 -1.92 -23.74 5.12
N ALA B 360 -2.96 -24.56 5.22
CA ALA B 360 -3.22 -25.22 6.50
C ALA B 360 -2.08 -26.23 6.72
N ASP B 361 -1.66 -26.37 7.97
CA ASP B 361 -0.50 -27.26 8.20
C ASP B 361 -0.37 -27.79 9.60
N GLY B 362 0.04 -29.06 9.74
CA GLY B 362 0.31 -29.68 11.01
C GLY B 362 -0.87 -30.02 11.90
N TYR B 363 -2.11 -30.14 11.41
CA TYR B 363 -3.19 -30.53 12.32
C TYR B 363 -4.27 -31.20 11.48
N SER B 364 -5.15 -31.97 12.10
CA SER B 364 -6.28 -32.57 11.41
C SER B 364 -7.56 -31.88 11.90
N ASN B 365 -8.58 -31.77 11.01
CA ASN B 365 -9.84 -31.19 11.48
C ASN B 365 -10.53 -32.24 12.38
N GLY B 366 -10.15 -33.50 12.18
CA GLY B 366 -10.69 -34.63 12.92
C GLY B 366 -12.13 -34.90 12.45
N GLY B 367 -12.84 -35.66 13.27
CA GLY B 367 -14.24 -35.96 12.94
C GLY B 367 -14.26 -36.78 11.65
N VAL B 368 -15.00 -36.29 10.67
CA VAL B 368 -15.09 -36.94 9.38
C VAL B 368 -13.79 -36.78 8.56
N PHE B 369 -12.99 -35.78 8.89
CA PHE B 369 -11.76 -35.52 8.13
C PHE B 369 -10.66 -36.52 8.51
N ASN B 370 -10.58 -37.69 7.86
CA ASN B 370 -9.57 -38.69 8.17
C ASN B 370 -8.17 -38.42 7.64
N CYS B 371 -7.58 -37.24 7.83
CA CYS B 371 -6.31 -36.87 7.25
C CYS B 371 -5.71 -35.67 7.94
N THR B 372 -4.45 -35.37 7.79
CA THR B 372 -3.74 -34.23 8.35
C THR B 372 -3.40 -33.22 7.27
N TRP B 373 -3.68 -31.92 7.54
CA TRP B 373 -3.38 -30.91 6.53
C TRP B 373 -1.85 -30.77 6.45
N ARG B 374 -1.30 -30.66 5.24
CA ARG B 374 0.14 -30.46 5.09
C ARG B 374 0.37 -29.36 4.04
N ALA B 375 1.09 -28.34 4.42
CA ALA B 375 1.43 -27.25 3.53
C ALA B 375 2.21 -27.84 2.35
N ASN B 376 2.92 -28.95 2.66
CA ASN B 376 3.65 -29.62 1.56
C ASN B 376 2.71 -30.18 0.51
N ASN B 377 1.38 -30.28 0.74
CA ASN B 377 0.45 -30.79 -0.26
C ASN B 377 -0.28 -29.69 -1.05
N VAL B 378 0.06 -28.45 -0.82
CA VAL B 378 -0.43 -27.27 -1.54
C VAL B 378 0.71 -26.78 -2.46
N ASN B 379 0.63 -27.02 -3.76
CA ASN B 379 1.69 -26.63 -4.68
C ASN B 379 1.10 -25.88 -5.86
N PHE B 380 1.96 -25.21 -6.61
CA PHE B 380 1.60 -24.46 -7.80
C PHE B 380 2.30 -25.09 -9.01
N THR B 381 1.60 -25.31 -10.11
CA THR B 381 2.20 -25.89 -11.30
C THR B 381 2.88 -24.78 -12.11
N ASN B 382 3.61 -25.19 -13.14
CA ASN B 382 4.32 -24.28 -14.01
C ASN B 382 3.41 -23.32 -14.77
N ASP B 383 2.23 -23.85 -15.00
CA ASP B 383 1.26 -23.19 -15.86
C ASP B 383 0.24 -22.46 -15.01
N GLY B 384 0.58 -22.14 -13.74
CA GLY B 384 -0.36 -21.31 -12.98
C GLY B 384 -1.63 -21.94 -12.47
N LYS B 385 -1.51 -23.17 -11.94
CA LYS B 385 -2.66 -23.79 -11.28
C LYS B 385 -2.28 -24.19 -9.85
N LEU B 386 -3.24 -24.04 -8.93
CA LEU B 386 -3.08 -24.48 -7.54
C LEU B 386 -3.40 -25.98 -7.50
N LYS B 387 -2.54 -26.82 -6.92
CA LYS B 387 -2.81 -28.27 -6.93
C LYS B 387 -2.86 -28.71 -5.47
N LEU B 388 -4.01 -29.21 -5.06
CA LEU B 388 -4.15 -29.55 -3.63
C LEU B 388 -4.11 -31.08 -3.56
N GLY B 389 -3.06 -31.64 -2.95
CA GLY B 389 -2.97 -33.10 -3.06
C GLY B 389 -3.36 -33.86 -1.80
N LEU B 390 -3.83 -35.07 -2.11
CA LEU B 390 -4.20 -36.00 -1.01
C LEU B 390 -3.19 -37.14 -1.19
N THR B 391 -2.37 -37.36 -0.16
CA THR B 391 -1.33 -38.38 -0.33
C THR B 391 -1.29 -39.34 0.84
N SER B 392 -0.71 -40.50 0.54
CA SER B 392 -0.59 -41.48 1.61
C SER B 392 0.59 -41.09 2.49
N SER B 393 0.68 -41.91 3.50
CA SER B 393 1.70 -42.14 4.47
C SER B 393 2.49 -40.90 4.84
N ALA B 394 3.65 -41.18 5.33
CA ALA B 394 4.63 -40.36 5.97
C ALA B 394 5.89 -40.31 5.09
CA CA C . 25.42 26.35 13.78
CA CA D . -4.20 -19.74 -13.10
#